data_9EYY
#
_entry.id   9EYY
#
_cell.length_a   1.00
_cell.length_b   1.00
_cell.length_c   1.00
_cell.angle_alpha   90.00
_cell.angle_beta   90.00
_cell.angle_gamma   90.00
#
_symmetry.space_group_name_H-M   'P 1'
#
loop_
_entity.id
_entity.type
_entity.pdbx_description
1 polymer 'Capsid protein VP1'
2 polymer 'Capsid protein VP0'
3 polymer 'Capsid protein VP3'
4 non-polymer 'PALMITIC ACID'
#
loop_
_entity_poly.entity_id
_entity_poly.type
_entity_poly.pdbx_seq_one_letter_code
_entity_poly.pdbx_strand_id
1 'polypeptide(L)'
;GLGQMLESMIDNTVRETVGAATSRDALPNTEASGPTHSKEIPALTAVETGATNPLVPSDTVQTRHVVQHRSRSESSIESF
FARGACVTIMTVDNPASTTNKDKLFAVWKITYKDTVQLRRKLEFFTYSRFDMELTFVVTANFTETNNGHALNQVYQIMYV
PPGAPVPEKWDDYTWQTSSNPSIFYTYGTAPARISVPYVGISNAYSHFYDGFSKVPLKDQSAALGDSLYGAASLNDFGIL
AVRVVNDPNPTKVTSKIRVYLKPKHIRVWCPRPPRAVAYYGPGVDYKDGTLTPLSTKDLTTY
;
A
2 'polypeptide(L)'
;MGAQVSSQKVGAHENSNGAYGGSTINYTTINYYRDSASNAASKQDFSQDPSKFTEPIKDVLIKTAPMLNSPNIEACGYSD
RVLQLTLGNSTITAQEAANSVVAYGRWPEYLRDSEANPVDQPTEPEVAACRFYTLDTVSWTKESRGWWWKLPDALRDMGL
FGQNMYYHYLGRSGYTVHVQCNASKFHQGALGVFAVPEMCLAGDSNTTTMHTSYQNANPGEKGGTFTGTFTPDNNQTSPA
RRFCPVDYLLGNGTLLGNAFVFPHQIINLRTNNCATLVLPYVNSLSIDSMVKHNNWGIAILPLAPLNFASESSPEIPITL
TIAPMCCEFNGLRNITLPRLQ
;
B
3 'polypeptide(L)'
;GLPVMNTPGSNQYLTADNFQSPCALPEFDVTPPIDIPGEVKNMMELAEIDTMIPFDLSATKKNTMEMYRVRLSDKPHTDD
PILCLSLSPASDPRLSHTMLGEILNYYTHWAGSLKFTFMFCGSMMATGKLLVSYAPPGADPPKKRKEAMLGTHVIWDIGL
QSSCTMVVPWISNTTYRLTIDDSFTEGGYISVFYQTRIVVPLSTPREMDILGFVSACNDFSVRLLRDTTHIEQKALAQ
;
C
#
loop_
_chem_comp.id
_chem_comp.type
_chem_comp.name
_chem_comp.formula
PLM non-polymer 'PALMITIC ACID' 'C16 H32 O2'
#
# COMPACT_ATOMS: atom_id res chain seq x y z
N ASP A 25 0.92 -22.96 -12.12
CA ASP A 25 2.32 -23.12 -12.50
C ASP A 25 3.10 -23.86 -11.41
N ALA A 26 3.99 -24.75 -11.81
CA ALA A 26 4.82 -25.50 -10.87
C ALA A 26 5.96 -24.59 -10.41
N LEU A 27 5.95 -24.25 -9.13
CA LEU A 27 6.99 -23.40 -8.59
C LEU A 27 8.36 -24.05 -8.82
N PRO A 28 9.43 -23.27 -8.70
CA PRO A 28 10.77 -23.81 -8.98
C PRO A 28 11.08 -25.02 -8.10
N ASN A 29 11.70 -26.03 -8.71
CA ASN A 29 12.12 -27.20 -7.95
C ASN A 29 13.26 -26.85 -7.02
N THR A 30 13.20 -27.39 -5.80
CA THR A 30 14.23 -27.15 -4.79
C THR A 30 15.40 -28.08 -5.09
N GLU A 31 16.37 -27.56 -5.84
CA GLU A 31 17.49 -28.37 -6.30
C GLU A 31 18.35 -28.82 -5.12
N ALA A 32 19.12 -29.88 -5.36
CA ALA A 32 19.98 -30.44 -4.33
C ALA A 32 21.22 -29.58 -4.12
N SER A 33 21.88 -29.80 -3.00
CA SER A 33 23.10 -29.07 -2.66
C SER A 33 23.90 -29.89 -1.67
N GLY A 34 25.18 -29.54 -1.54
CA GLY A 34 26.07 -30.24 -0.64
C GLY A 34 27.07 -29.30 0.00
N PRO A 35 28.03 -29.86 0.73
CA PRO A 35 29.05 -29.02 1.38
C PRO A 35 29.81 -28.20 0.35
N THR A 36 30.11 -26.96 0.71
CA THR A 36 30.87 -26.06 -0.15
C THR A 36 31.89 -25.29 0.67
N HIS A 37 32.94 -24.82 0.00
CA HIS A 37 34.02 -24.12 0.67
C HIS A 37 34.47 -22.89 -0.11
N SER A 38 33.60 -22.31 -0.94
CA SER A 38 33.99 -21.24 -1.84
C SER A 38 33.99 -19.89 -1.10
N LYS A 39 34.27 -18.83 -1.85
CA LYS A 39 34.37 -17.48 -1.32
C LYS A 39 33.34 -16.53 -1.92
N GLU A 40 32.30 -17.06 -2.56
CA GLU A 40 31.27 -16.21 -3.15
C GLU A 40 30.46 -15.50 -2.07
N ILE A 41 30.30 -16.13 -0.91
CA ILE A 41 29.59 -15.59 0.25
C ILE A 41 28.24 -14.98 -0.15
N PRO A 42 27.38 -15.72 -0.86
CA PRO A 42 26.07 -15.17 -1.21
C PRO A 42 25.21 -14.82 0.00
N ALA A 43 25.50 -15.42 1.17
CA ALA A 43 24.68 -15.17 2.35
C ALA A 43 24.72 -13.71 2.76
N LEU A 44 25.91 -13.10 2.75
CA LEU A 44 26.05 -11.72 3.16
C LEU A 44 25.72 -10.79 1.99
N THR A 45 24.92 -9.75 2.28
CA THR A 45 24.51 -8.78 1.27
C THR A 45 24.54 -7.40 1.93
N ALA A 46 24.00 -6.41 1.23
CA ALA A 46 23.85 -5.06 1.75
C ALA A 46 22.44 -4.57 1.44
N VAL A 47 21.66 -4.30 2.49
CA VAL A 47 20.29 -3.82 2.32
C VAL A 47 20.23 -2.35 1.95
N GLU A 48 21.37 -1.65 1.96
CA GLU A 48 21.35 -0.23 1.66
C GLU A 48 20.78 0.03 0.27
N THR A 49 21.17 -0.77 -0.72
CA THR A 49 20.52 -0.70 -2.01
C THR A 49 19.06 -1.10 -1.88
N GLY A 50 18.29 -0.87 -2.94
CA GLY A 50 16.87 -1.15 -2.91
C GLY A 50 16.51 -2.50 -3.50
N ALA A 51 17.47 -3.40 -3.58
CA ALA A 51 17.28 -4.72 -4.17
C ALA A 51 17.29 -5.76 -3.06
N THR A 52 16.23 -6.56 -2.99
CA THR A 52 16.16 -7.64 -2.00
C THR A 52 17.08 -8.78 -2.40
N ASN A 53 17.54 -9.52 -1.41
CA ASN A 53 18.46 -10.63 -1.65
C ASN A 53 17.72 -11.79 -2.31
N PRO A 54 18.12 -12.24 -3.50
CA PRO A 54 17.47 -13.41 -4.12
C PRO A 54 17.91 -14.75 -3.56
N LEU A 55 18.62 -14.75 -2.43
CA LEU A 55 19.11 -15.98 -1.83
C LEU A 55 18.00 -17.02 -1.75
N VAL A 56 18.40 -18.29 -1.84
CA VAL A 56 17.46 -19.41 -1.79
C VAL A 56 17.99 -20.43 -0.79
N PRO A 57 17.12 -21.33 -0.32
CA PRO A 57 17.54 -22.25 0.76
C PRO A 57 18.74 -23.11 0.40
N SER A 58 18.90 -23.48 -0.87
CA SER A 58 20.02 -24.32 -1.26
C SER A 58 21.36 -23.65 -0.99
N ASP A 59 21.40 -22.32 -0.92
CA ASP A 59 22.66 -21.62 -0.80
C ASP A 59 23.24 -21.70 0.61
N THR A 60 22.39 -21.64 1.64
CA THR A 60 22.85 -21.57 3.03
C THR A 60 22.61 -22.86 3.80
N VAL A 61 22.16 -23.92 3.15
CA VAL A 61 21.87 -25.18 3.83
C VAL A 61 22.08 -26.32 2.84
N GLN A 62 22.44 -27.49 3.36
CA GLN A 62 22.47 -28.70 2.55
C GLN A 62 21.05 -29.10 2.24
N THR A 63 20.67 -29.02 0.97
CA THR A 63 19.30 -29.22 0.52
C THR A 63 19.21 -30.45 -0.36
N ARG A 64 18.11 -31.20 -0.20
CA ARG A 64 17.85 -32.38 -1.00
C ARG A 64 16.92 -32.03 -2.16
N HIS A 65 17.09 -32.75 -3.26
CA HIS A 65 16.23 -32.55 -4.42
C HIS A 65 14.77 -32.76 -4.04
N VAL A 66 13.90 -31.89 -4.55
CA VAL A 66 12.48 -31.97 -4.26
C VAL A 66 11.69 -31.52 -5.47
N VAL A 67 10.86 -32.42 -6.02
CA VAL A 67 9.97 -32.04 -7.10
C VAL A 67 8.87 -31.14 -6.54
N GLN A 68 8.63 -30.02 -7.21
CA GLN A 68 7.77 -28.97 -6.69
C GLN A 68 6.40 -29.07 -7.34
N HIS A 69 5.36 -29.16 -6.51
CA HIS A 69 3.98 -29.22 -6.97
C HIS A 69 3.19 -27.96 -6.67
N ARG A 70 3.58 -27.20 -5.65
CA ARG A 70 2.81 -26.04 -5.24
C ARG A 70 2.77 -24.99 -6.34
N SER A 71 1.63 -24.33 -6.47
CA SER A 71 1.42 -23.28 -7.47
C SER A 71 0.81 -22.06 -6.80
N ARG A 72 1.11 -20.89 -7.35
CA ARG A 72 0.63 -19.63 -6.81
C ARG A 72 -0.67 -19.17 -7.45
N SER A 73 -1.44 -20.09 -8.04
CA SER A 73 -2.65 -19.69 -8.76
C SER A 73 -3.66 -19.04 -7.83
N GLU A 74 -3.87 -19.61 -6.64
CA GLU A 74 -4.87 -19.07 -5.72
C GLU A 74 -4.55 -17.65 -5.29
N SER A 75 -3.29 -17.24 -5.36
CA SER A 75 -2.85 -15.94 -4.85
C SER A 75 -2.75 -14.87 -5.93
N SER A 76 -3.12 -15.18 -7.17
CA SER A 76 -3.07 -14.17 -8.21
C SER A 76 -4.06 -13.05 -7.90
N ILE A 77 -3.98 -11.97 -8.69
CA ILE A 77 -4.83 -10.82 -8.44
C ILE A 77 -6.29 -11.18 -8.60
N GLU A 78 -6.63 -11.91 -9.67
CA GLU A 78 -8.02 -12.30 -9.87
C GLU A 78 -8.52 -13.16 -8.72
N SER A 79 -7.79 -14.22 -8.40
CA SER A 79 -8.23 -15.11 -7.31
C SER A 79 -8.24 -14.38 -5.98
N PHE A 80 -7.43 -13.34 -5.83
CA PHE A 80 -7.45 -12.54 -4.61
C PHE A 80 -8.67 -11.63 -4.55
N PHE A 81 -9.17 -11.20 -5.71
CA PHE A 81 -10.31 -10.30 -5.77
C PHE A 81 -11.57 -10.95 -6.33
N ALA A 82 -11.52 -12.23 -6.70
CA ALA A 82 -12.64 -12.90 -7.36
C ALA A 82 -13.69 -13.32 -6.33
N ARG A 83 -14.17 -12.35 -5.55
CA ARG A 83 -15.20 -12.60 -4.56
C ARG A 83 -15.96 -11.31 -4.30
N GLY A 84 -17.28 -11.35 -4.48
CA GLY A 84 -18.08 -10.17 -4.19
C GLY A 84 -18.03 -9.81 -2.71
N ALA A 85 -18.05 -8.52 -2.44
CA ALA A 85 -18.03 -8.00 -1.07
C ALA A 85 -19.10 -6.93 -0.93
N CYS A 86 -19.82 -6.97 0.18
CA CYS A 86 -20.84 -5.96 0.44
C CYS A 86 -20.20 -4.58 0.46
N VAL A 87 -20.86 -3.61 -0.20
CA VAL A 87 -20.36 -2.26 -0.28
C VAL A 87 -21.34 -1.23 0.25
N THR A 88 -22.56 -1.62 0.61
CA THR A 88 -23.54 -0.68 1.13
C THR A 88 -24.79 -1.44 1.55
N ILE A 89 -25.64 -0.75 2.31
CA ILE A 89 -26.95 -1.24 2.71
C ILE A 89 -27.93 -0.09 2.53
N MET A 90 -28.90 -0.25 1.65
CA MET A 90 -29.84 0.81 1.30
C MET A 90 -31.22 0.46 1.85
N THR A 91 -31.78 1.35 2.65
CA THR A 91 -33.08 1.12 3.28
C THR A 91 -34.17 1.82 2.49
N VAL A 92 -35.18 1.06 2.08
CA VAL A 92 -36.32 1.60 1.35
C VAL A 92 -37.58 1.01 1.96
N ASP A 93 -38.55 1.87 2.29
CA ASP A 93 -39.78 1.43 2.93
C ASP A 93 -40.97 1.73 2.04
N ASN A 94 -42.10 1.16 2.41
CA ASN A 94 -43.37 1.32 1.69
C ASN A 94 -44.43 1.69 2.72
N PRO A 95 -44.36 2.89 3.28
CA PRO A 95 -45.23 3.25 4.40
C PRO A 95 -46.70 3.11 4.03
N ALA A 96 -47.49 2.69 5.01
CA ALA A 96 -48.92 2.49 4.79
C ALA A 96 -49.56 3.79 4.34
N SER A 97 -50.49 3.69 3.39
CA SER A 97 -51.20 4.87 2.94
C SER A 97 -51.99 5.52 4.06
N THR A 98 -52.25 4.78 5.14
CA THR A 98 -52.93 5.37 6.29
C THR A 98 -52.09 6.50 6.88
N THR A 99 -50.78 6.30 7.01
CA THR A 99 -49.89 7.33 7.52
C THR A 99 -49.43 8.23 6.37
N ASN A 100 -49.53 9.54 6.58
CA ASN A 100 -49.23 10.51 5.54
C ASN A 100 -47.75 10.61 5.21
N LYS A 101 -46.88 10.00 6.01
CA LYS A 101 -45.45 10.10 5.77
C LYS A 101 -45.10 9.53 4.40
N ASP A 102 -44.29 10.27 3.64
CA ASP A 102 -43.97 9.90 2.28
C ASP A 102 -43.06 8.67 2.25
N LYS A 103 -43.03 8.01 1.10
CA LYS A 103 -42.17 6.85 0.92
C LYS A 103 -40.70 7.24 1.01
N LEU A 104 -39.87 6.28 1.39
CA LEU A 104 -38.44 6.49 1.57
C LEU A 104 -37.71 5.67 0.50
N PHE A 105 -37.30 6.33 -0.57
CA PHE A 105 -36.43 5.74 -1.57
C PHE A 105 -34.99 6.10 -1.25
N ALA A 106 -34.07 5.18 -1.53
CA ALA A 106 -32.69 5.29 -1.09
C ALA A 106 -31.81 5.73 -2.25
N VAL A 107 -31.08 6.83 -2.05
CA VAL A 107 -30.09 7.31 -2.99
C VAL A 107 -28.72 7.11 -2.36
N TRP A 108 -27.93 6.22 -2.96
CA TRP A 108 -26.60 5.89 -2.45
C TRP A 108 -25.57 6.26 -3.49
N LYS A 109 -24.63 7.13 -3.12
CA LYS A 109 -23.55 7.49 -4.03
C LYS A 109 -22.63 6.30 -4.21
N ILE A 110 -22.32 5.97 -5.47
CA ILE A 110 -21.52 4.79 -5.74
C ILE A 110 -20.12 4.99 -5.21
N THR A 111 -19.65 4.04 -4.39
CA THR A 111 -18.31 4.06 -3.85
C THR A 111 -18.08 2.77 -3.08
N TYR A 112 -16.81 2.37 -3.00
CA TYR A 112 -16.41 1.21 -2.22
C TYR A 112 -15.80 1.59 -0.89
N LYS A 113 -15.94 2.86 -0.47
CA LYS A 113 -15.36 3.34 0.76
C LYS A 113 -16.37 3.42 1.90
N ASP A 114 -17.56 2.85 1.72
CA ASP A 114 -18.51 2.74 2.82
C ASP A 114 -18.10 1.65 3.79
N THR A 115 -17.57 0.54 3.27
CA THR A 115 -17.11 -0.57 4.08
C THR A 115 -15.60 -0.46 4.29
N VAL A 116 -15.00 -1.50 4.86
CA VAL A 116 -13.57 -1.53 5.13
C VAL A 116 -12.89 -2.68 4.39
N GLN A 117 -13.49 -3.86 4.39
CA GLN A 117 -12.78 -5.04 3.90
C GLN A 117 -12.42 -4.92 2.43
N LEU A 118 -13.39 -4.59 1.58
CA LEU A 118 -13.08 -4.37 0.17
C LEU A 118 -12.16 -3.17 0.00
N ARG A 119 -12.41 -2.10 0.76
CA ARG A 119 -11.54 -0.93 0.69
C ARG A 119 -10.12 -1.30 1.06
N ARG A 120 -9.94 -2.08 2.13
CA ARG A 120 -8.61 -2.45 2.57
C ARG A 120 -7.93 -3.37 1.56
N LYS A 121 -8.68 -4.29 0.96
CA LYS A 121 -8.10 -5.16 -0.06
C LYS A 121 -7.65 -4.36 -1.27
N LEU A 122 -8.44 -3.36 -1.67
CA LEU A 122 -8.08 -2.56 -2.84
C LEU A 122 -6.92 -1.63 -2.55
N GLU A 123 -6.86 -1.07 -1.34
CA GLU A 123 -5.85 -0.09 -1.01
C GLU A 123 -4.48 -0.70 -0.74
N PHE A 124 -4.30 -1.99 -1.03
CA PHE A 124 -2.96 -2.52 -1.17
C PHE A 124 -2.24 -1.84 -2.32
N PHE A 125 -2.95 -1.59 -3.42
CA PHE A 125 -2.40 -1.06 -4.65
C PHE A 125 -2.89 0.36 -4.90
N THR A 126 -2.13 1.09 -5.72
CA THR A 126 -2.42 2.49 -5.94
C THR A 126 -3.37 2.72 -7.11
N TYR A 127 -3.24 1.96 -8.19
CA TYR A 127 -4.12 2.10 -9.34
C TYR A 127 -4.72 0.76 -9.70
N SER A 128 -5.89 0.77 -10.34
CA SER A 128 -6.58 -0.47 -10.65
C SER A 128 -7.56 -0.28 -11.80
N ARG A 129 -7.46 -1.13 -12.81
CA ARG A 129 -8.46 -1.25 -13.87
C ARG A 129 -9.19 -2.57 -13.65
N PHE A 130 -10.47 -2.51 -13.30
CA PHE A 130 -11.24 -3.73 -13.13
C PHE A 130 -12.67 -3.51 -13.60
N ASP A 131 -13.14 -4.39 -14.47
CA ASP A 131 -14.57 -4.49 -14.71
C ASP A 131 -15.26 -4.84 -13.40
N MET A 132 -16.54 -4.50 -13.29
CA MET A 132 -17.26 -4.70 -12.05
C MET A 132 -18.47 -5.59 -12.28
N GLU A 133 -18.89 -6.28 -11.23
CA GLU A 133 -20.10 -7.10 -11.27
C GLU A 133 -20.85 -6.83 -9.98
N LEU A 134 -22.02 -6.21 -10.08
CA LEU A 134 -22.82 -5.83 -8.93
C LEU A 134 -23.99 -6.79 -8.79
N THR A 135 -24.21 -7.27 -7.57
CA THR A 135 -25.31 -8.16 -7.24
C THR A 135 -26.13 -7.53 -6.12
N PHE A 136 -27.43 -7.47 -6.30
CA PHE A 136 -28.34 -6.87 -5.34
C PHE A 136 -29.14 -7.98 -4.67
N VAL A 137 -29.04 -8.06 -3.35
CA VAL A 137 -29.79 -9.01 -2.54
C VAL A 137 -30.78 -8.20 -1.70
N VAL A 138 -32.07 -8.46 -1.89
CA VAL A 138 -33.11 -7.68 -1.23
C VAL A 138 -33.76 -8.53 -0.16
N THR A 139 -34.17 -7.87 0.93
CA THR A 139 -34.94 -8.50 1.99
C THR A 139 -36.00 -7.51 2.46
N ALA A 140 -37.07 -8.04 3.04
CA ALA A 140 -38.19 -7.23 3.47
C ALA A 140 -38.69 -7.72 4.82
N ASN A 141 -39.47 -6.87 5.48
CA ASN A 141 -40.02 -7.21 6.78
C ASN A 141 -41.10 -6.20 7.15
N PHE A 142 -42.14 -6.69 7.82
CA PHE A 142 -43.18 -5.81 8.34
C PHE A 142 -42.66 -5.09 9.60
N THR A 143 -43.24 -3.93 9.87
CA THR A 143 -42.84 -3.11 11.01
C THR A 143 -43.98 -2.87 12.00
N GLU A 144 -45.18 -2.59 11.51
CA GLU A 144 -46.31 -2.36 12.41
C GLU A 144 -46.73 -3.66 13.07
N THR A 145 -47.14 -3.57 14.34
CA THR A 145 -47.57 -4.76 15.06
C THR A 145 -48.70 -5.48 14.32
N ASN A 146 -49.56 -4.72 13.63
CA ASN A 146 -50.60 -5.34 12.82
C ASN A 146 -49.98 -6.27 11.80
N ASN A 147 -50.29 -7.56 11.90
CA ASN A 147 -49.84 -8.55 10.93
C ASN A 147 -50.80 -8.49 9.74
N GLY A 148 -50.55 -7.51 8.87
CA GLY A 148 -51.34 -7.32 7.68
C GLY A 148 -50.81 -8.10 6.50
N HIS A 149 -51.34 -7.79 5.34
CA HIS A 149 -50.95 -8.44 4.09
C HIS A 149 -50.30 -7.43 3.17
N ALA A 150 -49.21 -7.84 2.53
CA ALA A 150 -48.51 -7.04 1.54
C ALA A 150 -48.20 -7.92 0.35
N LEU A 151 -48.72 -7.57 -0.81
CA LEU A 151 -48.46 -8.35 -2.00
C LEU A 151 -46.99 -8.22 -2.41
N ASN A 152 -46.53 -9.19 -3.18
CA ASN A 152 -45.13 -9.23 -3.58
C ASN A 152 -44.72 -7.91 -4.20
N GLN A 153 -43.61 -7.36 -3.74
CA GLN A 153 -43.15 -6.04 -4.14
C GLN A 153 -42.16 -6.13 -5.29
N VAL A 154 -42.10 -5.06 -6.07
CA VAL A 154 -41.16 -4.94 -7.18
C VAL A 154 -40.29 -3.72 -6.92
N TYR A 155 -38.98 -3.93 -6.92
CA TYR A 155 -38.02 -2.86 -6.64
C TYR A 155 -37.39 -2.37 -7.94
N GLN A 156 -37.26 -1.06 -8.07
CA GLN A 156 -36.55 -0.45 -9.17
C GLN A 156 -35.21 0.06 -8.68
N ILE A 157 -34.15 -0.31 -9.39
CA ILE A 157 -32.78 0.07 -9.07
C ILE A 157 -32.25 0.80 -10.29
N MET A 158 -32.15 2.13 -10.21
CA MET A 158 -31.81 2.97 -11.35
C MET A 158 -30.46 3.63 -11.11
N TYR A 159 -29.61 3.63 -12.13
CA TYR A 159 -28.28 4.22 -12.05
C TYR A 159 -28.33 5.62 -12.64
N VAL A 160 -27.96 6.61 -11.84
CA VAL A 160 -27.99 8.01 -12.27
C VAL A 160 -26.56 8.48 -12.44
N PRO A 161 -26.02 8.52 -13.66
CA PRO A 161 -24.63 8.94 -13.84
C PRO A 161 -24.43 10.37 -13.35
N PRO A 162 -23.20 10.85 -13.34
CA PRO A 162 -22.95 12.20 -12.82
C PRO A 162 -23.56 13.27 -13.71
N GLY A 163 -24.62 13.91 -13.24
CA GLY A 163 -25.27 14.96 -14.00
C GLY A 163 -26.74 14.71 -14.24
N ALA A 164 -27.12 13.45 -14.44
CA ALA A 164 -28.51 13.12 -14.69
C ALA A 164 -29.36 13.52 -13.47
N PRO A 165 -30.61 13.90 -13.68
CA PRO A 165 -31.43 14.37 -12.56
C PRO A 165 -31.56 13.32 -11.48
N VAL A 166 -31.52 13.78 -10.23
CA VAL A 166 -31.68 12.91 -9.07
C VAL A 166 -33.17 12.86 -8.72
N PRO A 167 -33.79 11.69 -8.67
CA PRO A 167 -35.20 11.64 -8.25
C PRO A 167 -35.39 12.25 -6.88
N GLU A 168 -36.42 13.08 -6.75
CA GLU A 168 -36.77 13.71 -5.49
C GLU A 168 -38.03 13.15 -4.87
N LYS A 169 -38.94 12.59 -5.67
CA LYS A 169 -40.10 11.87 -5.19
C LYS A 169 -40.10 10.48 -5.81
N TRP A 170 -40.71 9.53 -5.09
CA TRP A 170 -40.75 8.16 -5.57
C TRP A 170 -41.57 8.00 -6.85
N ASP A 171 -42.34 9.00 -7.23
CA ASP A 171 -43.25 8.91 -8.37
C ASP A 171 -43.13 10.16 -9.25
N ASP A 172 -41.91 10.57 -9.54
CA ASP A 172 -41.67 11.70 -10.43
C ASP A 172 -41.13 11.20 -11.77
N TYR A 173 -40.96 12.15 -12.69
CA TYR A 173 -40.63 11.78 -14.07
C TYR A 173 -39.30 11.02 -14.15
N THR A 174 -38.37 11.34 -13.27
CA THR A 174 -37.01 10.79 -13.41
C THR A 174 -37.00 9.27 -13.38
N TRP A 175 -38.01 8.64 -12.82
CA TRP A 175 -38.05 7.19 -12.74
C TRP A 175 -38.39 6.51 -14.06
N GLN A 176 -38.65 7.28 -15.12
CA GLN A 176 -38.98 6.67 -16.40
C GLN A 176 -37.81 5.89 -17.00
N THR A 177 -36.59 6.13 -16.53
CA THR A 177 -35.40 5.40 -17.00
C THR A 177 -35.31 5.40 -18.52
N SER A 178 -35.57 6.58 -19.12
CA SER A 178 -35.48 6.68 -20.57
C SER A 178 -34.06 6.43 -21.06
N SER A 179 -33.06 6.85 -20.30
CA SER A 179 -31.67 6.62 -20.68
C SER A 179 -30.87 6.02 -19.55
N ASN A 180 -31.29 6.23 -18.32
CA ASN A 180 -30.62 5.64 -17.18
C ASN A 180 -30.92 4.14 -17.13
N PRO A 181 -29.92 3.27 -17.16
CA PRO A 181 -30.20 1.84 -17.01
C PRO A 181 -30.84 1.56 -15.66
N SER A 182 -31.74 0.58 -15.66
CA SER A 182 -32.47 0.26 -14.44
C SER A 182 -32.80 -1.23 -14.42
N ILE A 183 -32.91 -1.77 -13.22
CA ILE A 183 -33.26 -3.17 -12.99
C ILE A 183 -34.54 -3.22 -12.19
N PHE A 184 -35.46 -4.09 -12.59
CA PHE A 184 -36.68 -4.36 -11.86
C PHE A 184 -36.56 -5.75 -11.24
N TYR A 185 -36.49 -5.78 -9.91
CA TYR A 185 -36.29 -7.01 -9.16
C TYR A 185 -37.59 -7.38 -8.47
N THR A 186 -38.11 -8.56 -8.76
CA THR A 186 -39.33 -9.06 -8.14
C THR A 186 -38.93 -9.81 -6.87
N TYR A 187 -39.25 -9.23 -5.72
CA TYR A 187 -38.79 -9.80 -4.46
C TYR A 187 -39.18 -11.26 -4.34
N GLY A 188 -38.22 -12.09 -3.95
CA GLY A 188 -38.41 -13.52 -3.83
C GLY A 188 -37.74 -14.33 -4.93
N THR A 189 -37.24 -13.69 -5.98
CA THR A 189 -36.55 -14.38 -7.06
C THR A 189 -35.04 -14.33 -6.82
N ALA A 190 -34.29 -14.83 -7.78
CA ALA A 190 -32.83 -14.84 -7.63
C ALA A 190 -32.30 -13.42 -7.55
N PRO A 191 -31.29 -13.15 -6.72
CA PRO A 191 -30.82 -11.78 -6.55
C PRO A 191 -30.39 -11.16 -7.88
N ALA A 192 -30.61 -9.86 -8.01
CA ALA A 192 -30.30 -9.19 -9.26
C ALA A 192 -28.79 -9.13 -9.48
N ARG A 193 -28.38 -9.08 -10.73
CA ARG A 193 -26.95 -9.05 -11.05
C ARG A 193 -26.74 -8.40 -12.39
N ILE A 194 -25.67 -7.60 -12.50
CA ILE A 194 -25.30 -6.96 -13.76
C ILE A 194 -23.81 -6.66 -13.75
N SER A 195 -23.20 -6.76 -14.92
CA SER A 195 -21.79 -6.44 -15.11
C SER A 195 -21.64 -5.06 -15.75
N VAL A 196 -20.46 -4.49 -15.55
CA VAL A 196 -20.15 -3.15 -16.04
C VAL A 196 -18.68 -3.13 -16.47
N PRO A 197 -18.33 -2.49 -17.58
CA PRO A 197 -16.92 -2.41 -17.97
C PRO A 197 -16.19 -1.37 -17.12
N TYR A 198 -14.92 -1.16 -17.45
CA TYR A 198 -14.14 -0.11 -16.81
C TYR A 198 -14.66 1.25 -17.24
N VAL A 199 -15.20 2.02 -16.29
CA VAL A 199 -15.88 3.28 -16.60
C VAL A 199 -15.04 4.48 -16.19
N GLY A 200 -13.77 4.28 -15.84
CA GLY A 200 -12.95 5.41 -15.42
C GLY A 200 -12.61 6.32 -16.58
N ILE A 201 -12.73 7.62 -16.34
CA ILE A 201 -12.32 8.60 -17.36
C ILE A 201 -10.81 8.55 -17.55
N SER A 202 -10.06 8.41 -16.46
CA SER A 202 -8.63 8.20 -16.55
C SER A 202 -8.36 6.79 -17.04
N ASN A 203 -7.07 6.43 -17.13
CA ASN A 203 -6.68 5.11 -17.60
C ASN A 203 -6.59 4.09 -16.47
N ALA A 204 -6.95 4.45 -15.25
CA ALA A 204 -6.99 3.51 -14.15
C ALA A 204 -7.63 4.20 -12.96
N TYR A 205 -8.43 3.46 -12.19
CA TYR A 205 -9.05 4.02 -10.99
C TYR A 205 -7.96 4.49 -10.04
N SER A 206 -8.14 5.69 -9.51
CA SER A 206 -7.18 6.30 -8.59
C SER A 206 -7.67 6.05 -7.17
N HIS A 207 -7.13 5.01 -6.53
CA HIS A 207 -7.47 4.76 -5.14
C HIS A 207 -7.03 5.90 -4.25
N PHE A 208 -5.89 6.50 -4.58
CA PHE A 208 -5.35 7.64 -3.84
C PHE A 208 -5.06 8.78 -4.80
N TYR A 209 -5.28 10.00 -4.32
CA TYR A 209 -5.07 11.20 -5.13
C TYR A 209 -4.48 12.26 -4.21
N ASP A 210 -3.21 12.59 -4.42
CA ASP A 210 -2.53 13.63 -3.65
C ASP A 210 -2.63 14.93 -4.43
N GLY A 211 -3.59 15.76 -4.09
CA GLY A 211 -3.82 17.00 -4.79
C GLY A 211 -5.20 17.53 -4.52
N PHE A 212 -5.61 18.47 -5.36
CA PHE A 212 -6.89 19.15 -5.24
C PHE A 212 -7.55 19.22 -6.61
N SER A 213 -8.79 19.69 -6.62
CA SER A 213 -9.50 19.96 -7.86
C SER A 213 -9.45 21.42 -8.26
N LYS A 214 -9.15 22.32 -7.33
CA LYS A 214 -8.94 23.73 -7.61
C LYS A 214 -7.62 24.18 -7.01
N VAL A 215 -6.99 25.15 -7.65
CA VAL A 215 -5.78 25.79 -7.15
C VAL A 215 -6.17 27.18 -6.66
N PRO A 216 -6.01 27.49 -5.37
CA PRO A 216 -6.41 28.82 -4.90
C PRO A 216 -5.53 29.91 -5.47
N LEU A 217 -6.06 30.69 -6.40
CA LEU A 217 -5.28 31.71 -7.07
C LEU A 217 -5.09 32.92 -6.16
N LYS A 218 -3.97 33.60 -6.36
CA LYS A 218 -3.58 34.69 -5.47
C LYS A 218 -4.48 35.91 -5.57
N ASP A 219 -5.35 35.97 -6.58
CA ASP A 219 -6.15 37.16 -6.88
C ASP A 219 -7.63 36.81 -6.97
N GLN A 220 -8.13 36.11 -5.96
CA GLN A 220 -9.56 35.83 -5.88
C GLN A 220 -9.93 35.55 -4.43
N SER A 221 -11.23 35.50 -4.17
CA SER A 221 -11.72 35.28 -2.82
C SER A 221 -11.25 33.92 -2.30
N ALA A 222 -11.03 33.87 -0.99
CA ALA A 222 -10.51 32.64 -0.38
C ALA A 222 -11.47 31.48 -0.58
N ALA A 223 -12.78 31.73 -0.42
CA ALA A 223 -13.76 30.66 -0.58
C ALA A 223 -13.63 29.99 -1.94
N LEU A 224 -13.54 30.79 -2.99
CA LEU A 224 -13.31 30.24 -4.33
C LEU A 224 -11.94 29.56 -4.38
N GLY A 225 -11.91 28.37 -4.97
CA GLY A 225 -10.70 27.59 -5.04
C GLY A 225 -10.47 26.69 -3.84
N ASP A 226 -11.29 26.79 -2.80
CA ASP A 226 -11.16 25.95 -1.62
C ASP A 226 -11.83 24.61 -1.90
N SER A 227 -11.02 23.55 -2.00
CA SER A 227 -11.51 22.22 -2.26
C SER A 227 -10.87 21.23 -1.29
N LEU A 228 -11.59 20.14 -1.02
CA LEU A 228 -11.11 19.16 -0.06
C LEU A 228 -9.86 18.46 -0.58
N TYR A 229 -8.92 18.22 0.33
CA TYR A 229 -7.67 17.59 -0.05
C TYR A 229 -7.90 16.19 -0.57
N GLY A 230 -7.16 15.82 -1.61
CA GLY A 230 -7.26 14.49 -2.17
C GLY A 230 -8.64 14.13 -2.67
N ALA A 231 -9.45 15.13 -3.02
CA ALA A 231 -10.77 14.91 -3.57
C ALA A 231 -10.76 15.35 -5.04
N ALA A 232 -11.10 14.43 -5.92
CA ALA A 232 -11.18 14.72 -7.35
C ALA A 232 -12.35 13.94 -7.94
N SER A 233 -12.82 14.39 -9.10
CA SER A 233 -13.94 13.75 -9.76
C SER A 233 -13.53 12.49 -10.52
N LEU A 234 -12.32 11.98 -10.30
CA LEU A 234 -11.95 10.70 -10.88
C LEU A 234 -12.84 9.59 -10.36
N ASN A 235 -13.22 9.66 -9.09
CA ASN A 235 -14.12 8.70 -8.47
C ASN A 235 -15.57 9.17 -8.50
N ASP A 236 -15.94 9.97 -9.49
CA ASP A 236 -17.29 10.50 -9.64
C ASP A 236 -18.06 9.57 -10.57
N PHE A 237 -18.86 8.68 -9.98
CA PHE A 237 -19.56 7.65 -10.74
C PHE A 237 -21.08 7.80 -10.67
N GLY A 238 -21.58 8.89 -10.11
CA GLY A 238 -23.01 9.07 -10.01
C GLY A 238 -23.60 8.32 -8.83
N ILE A 239 -24.93 8.31 -8.77
CA ILE A 239 -25.64 7.72 -7.64
C ILE A 239 -26.42 6.51 -8.13
N LEU A 240 -26.99 5.78 -7.16
CA LEU A 240 -27.84 4.63 -7.41
C LEU A 240 -29.09 4.81 -6.57
N ALA A 241 -30.24 4.87 -7.23
CA ALA A 241 -31.51 5.17 -6.58
C ALA A 241 -32.39 3.93 -6.61
N VAL A 242 -32.86 3.51 -5.45
CA VAL A 242 -33.67 2.31 -5.29
C VAL A 242 -35.00 2.70 -4.69
N ARG A 243 -36.08 2.21 -5.28
CA ARG A 243 -37.42 2.50 -4.79
C ARG A 243 -38.30 1.26 -4.89
N VAL A 244 -39.38 1.26 -4.13
CA VAL A 244 -40.39 0.21 -4.17
C VAL A 244 -41.48 0.66 -5.14
N VAL A 245 -41.61 -0.05 -6.26
CA VAL A 245 -42.52 0.39 -7.31
C VAL A 245 -43.96 0.35 -6.81
N ASN A 246 -44.29 -0.66 -6.00
CA ASN A 246 -45.66 -0.81 -5.52
C ASN A 246 -46.13 0.45 -4.80
N ASP A 247 -47.33 0.90 -5.13
CA ASP A 247 -47.94 1.98 -4.37
C ASP A 247 -48.25 1.49 -2.96
N PRO A 248 -48.32 2.40 -1.98
CA PRO A 248 -48.33 1.96 -0.58
C PRO A 248 -49.49 1.04 -0.25
N ASN A 249 -49.21 0.09 0.63
CA ASN A 249 -50.19 -0.85 1.16
C ASN A 249 -50.84 -0.24 2.40
N PRO A 250 -51.77 -0.94 3.05
CA PRO A 250 -52.24 -0.49 4.37
C PRO A 250 -51.26 -0.78 5.50
N THR A 251 -50.22 -1.57 5.25
CA THR A 251 -49.24 -1.94 6.27
C THR A 251 -47.85 -1.60 5.76
N LYS A 252 -47.07 -0.92 6.60
CA LYS A 252 -45.72 -0.53 6.22
C LYS A 252 -44.82 -1.76 6.07
N VAL A 253 -44.02 -1.76 5.02
CA VAL A 253 -43.09 -2.84 4.73
C VAL A 253 -41.72 -2.22 4.46
N THR A 254 -40.73 -2.55 5.29
CA THR A 254 -39.39 -2.05 5.10
C THR A 254 -38.57 -3.09 4.33
N SER A 255 -37.50 -2.61 3.70
CA SER A 255 -36.64 -3.48 2.91
C SER A 255 -35.25 -2.90 2.89
N LYS A 256 -34.25 -3.77 2.67
CA LYS A 256 -32.86 -3.38 2.73
C LYS A 256 -32.10 -4.08 1.60
N ILE A 257 -31.74 -3.31 0.59
CA ILE A 257 -30.96 -3.84 -0.54
C ILE A 257 -29.49 -3.84 -0.16
N ARG A 258 -28.82 -4.97 -0.37
CA ARG A 258 -27.39 -5.10 -0.15
C ARG A 258 -26.70 -5.28 -1.49
N VAL A 259 -25.64 -4.51 -1.71
CA VAL A 259 -24.91 -4.50 -2.98
C VAL A 259 -23.58 -5.19 -2.76
N TYR A 260 -23.33 -6.26 -3.51
CA TYR A 260 -22.11 -7.02 -3.45
C TYR A 260 -21.34 -6.80 -4.75
N LEU A 261 -20.09 -6.37 -4.62
CA LEU A 261 -19.29 -5.91 -5.75
C LEU A 261 -18.14 -6.88 -5.97
N LYS A 262 -18.04 -7.43 -7.17
CA LYS A 262 -16.95 -8.33 -7.55
C LYS A 262 -16.11 -7.68 -8.63
N PRO A 263 -14.82 -7.45 -8.42
CA PRO A 263 -13.95 -6.99 -9.52
C PRO A 263 -13.56 -8.15 -10.42
N LYS A 264 -13.89 -8.02 -11.70
CA LYS A 264 -13.48 -8.96 -12.73
C LYS A 264 -12.39 -8.34 -13.61
N HIS A 265 -11.53 -9.19 -14.15
CA HIS A 265 -10.51 -8.76 -15.10
C HIS A 265 -9.65 -7.64 -14.49
N ILE A 266 -9.31 -7.79 -13.22
CA ILE A 266 -8.69 -6.72 -12.47
C ILE A 266 -7.19 -6.71 -12.69
N ARG A 267 -6.64 -5.54 -12.98
CA ARG A 267 -5.20 -5.30 -13.03
C ARG A 267 -4.88 -4.18 -12.05
N VAL A 268 -3.80 -4.33 -11.29
CA VAL A 268 -3.44 -3.37 -10.26
C VAL A 268 -2.00 -2.92 -10.45
N TRP A 269 -1.71 -1.73 -9.96
CA TRP A 269 -0.42 -1.08 -10.16
C TRP A 269 0.02 -0.36 -8.89
N CYS A 270 1.34 -0.32 -8.69
CA CYS A 270 1.99 0.43 -7.64
C CYS A 270 1.54 0.00 -6.24
N PRO A 271 1.96 -1.17 -5.77
CA PRO A 271 1.49 -1.65 -4.47
C PRO A 271 1.81 -0.65 -3.36
N ARG A 272 1.17 -0.89 -2.22
CA ARG A 272 1.29 -0.01 -1.07
C ARG A 272 1.24 -0.86 0.20
N PRO A 273 1.45 -0.28 1.38
CA PRO A 273 1.32 -1.04 2.61
C PRO A 273 -0.12 -1.05 3.09
N PRO A 274 -0.64 -2.20 3.50
CA PRO A 274 -2.04 -2.26 3.90
C PRO A 274 -2.31 -1.39 5.11
N ARG A 275 -3.54 -0.88 5.20
CA ARG A 275 -3.94 -0.07 6.32
C ARG A 275 -3.75 -0.84 7.63
N ALA A 276 -3.21 -0.16 8.63
CA ALA A 276 -2.98 -0.75 9.95
C ALA A 276 -3.98 -0.28 10.99
N VAL A 277 -4.41 0.98 10.93
CA VAL A 277 -5.36 1.52 11.89
C VAL A 277 -6.71 1.71 11.20
N ALA A 278 -7.76 1.75 12.01
CA ALA A 278 -9.11 1.79 11.47
C ALA A 278 -9.31 3.03 10.61
N TYR A 279 -10.08 2.87 9.54
CA TYR A 279 -10.32 3.97 8.62
C TYR A 279 -11.10 5.09 9.31
N TYR A 280 -11.08 6.27 8.69
CA TYR A 280 -11.85 7.41 9.17
C TYR A 280 -12.24 8.23 7.94
N GLY A 281 -13.43 7.98 7.41
CA GLY A 281 -13.93 8.71 6.28
C GLY A 281 -13.30 8.28 4.97
N PRO A 282 -13.48 9.08 3.92
CA PRO A 282 -12.92 8.70 2.62
C PRO A 282 -11.41 8.88 2.53
N GLY A 283 -10.84 9.82 3.26
CA GLY A 283 -9.44 10.14 3.14
C GLY A 283 -8.55 9.13 3.84
N VAL A 284 -7.29 9.54 4.02
CA VAL A 284 -6.32 8.72 4.73
C VAL A 284 -6.17 9.18 6.18
N ASP A 285 -7.18 9.84 6.73
CA ASP A 285 -7.12 10.31 8.10
C ASP A 285 -7.31 9.15 9.08
N TYR A 286 -6.80 9.35 10.29
CA TYR A 286 -6.98 8.39 11.37
C TYR A 286 -7.41 9.14 12.62
N LYS A 287 -8.25 8.49 13.43
CA LYS A 287 -8.82 9.12 14.60
C LYS A 287 -7.79 9.16 15.73
N ASP A 288 -8.10 9.96 16.76
CA ASP A 288 -7.13 10.23 17.80
C ASP A 288 -6.71 8.97 18.55
N GLY A 289 -7.67 8.17 18.98
CA GLY A 289 -7.42 7.04 19.84
C GLY A 289 -7.15 5.73 19.13
N THR A 290 -7.06 5.71 17.81
CA THR A 290 -6.92 4.48 17.06
C THR A 290 -5.46 4.13 16.75
N LEU A 291 -4.51 4.92 17.24
CA LEU A 291 -3.11 4.79 16.83
C LEU A 291 -2.33 3.82 17.72
N THR A 292 -2.85 2.61 17.90
CA THR A 292 -2.17 1.57 18.68
C THR A 292 -2.49 0.21 18.09
N PRO A 293 -1.98 -0.08 16.88
CA PRO A 293 -2.31 -1.36 16.25
C PRO A 293 -1.61 -2.56 16.87
N LEU A 294 -0.33 -2.45 17.20
CA LEU A 294 0.45 -3.61 17.59
C LEU A 294 0.10 -4.05 19.01
N SER A 295 0.70 -5.16 19.43
CA SER A 295 0.38 -5.80 20.69
C SER A 295 1.64 -6.05 21.50
N THR A 296 1.47 -6.16 22.82
CA THR A 296 2.60 -6.33 23.71
C THR A 296 3.27 -7.68 23.49
N LYS A 297 4.61 -7.68 23.50
CA LYS A 297 5.38 -8.91 23.39
C LYS A 297 6.83 -8.65 23.80
N ASP A 298 7.32 -9.36 24.80
CA ASP A 298 8.68 -9.15 25.27
C ASP A 298 9.68 -9.51 24.17
N LEU A 299 10.81 -8.80 24.16
CA LEU A 299 11.79 -8.99 23.10
C LEU A 299 12.30 -10.42 23.07
N THR A 300 12.66 -10.97 24.22
CA THR A 300 13.19 -12.34 24.32
C THR A 300 12.09 -13.22 24.89
N THR A 301 11.16 -13.63 24.02
CA THR A 301 10.07 -14.51 24.44
C THR A 301 9.48 -15.21 23.22
N TYR A 302 9.58 -16.52 23.17
CA TYR A 302 9.05 -17.29 22.05
C TYR A 302 7.54 -17.36 22.11
N GLN B 4 -15.46 -23.04 -27.05
CA GLN B 4 -14.06 -23.14 -26.63
C GLN B 4 -13.93 -24.05 -25.41
N VAL B 5 -13.34 -25.22 -25.61
CA VAL B 5 -13.16 -26.20 -24.55
C VAL B 5 -11.79 -25.93 -23.92
N SER B 6 -11.80 -25.26 -22.78
CA SER B 6 -10.57 -24.94 -22.07
C SER B 6 -10.21 -26.06 -21.10
N SER B 7 -8.92 -26.18 -20.80
CA SER B 7 -8.42 -27.22 -19.93
C SER B 7 -8.62 -26.83 -18.47
N GLN B 8 -8.62 -27.85 -17.61
CA GLN B 8 -8.73 -27.65 -16.17
C GLN B 8 -7.39 -27.90 -15.49
N THR B 28 -16.20 -26.10 -21.20
CA THR B 28 -16.85 -25.47 -22.35
C THR B 28 -17.20 -24.01 -22.02
N THR B 29 -16.38 -23.10 -22.52
CA THR B 29 -16.54 -21.67 -22.24
C THR B 29 -17.14 -21.00 -23.49
N ILE B 30 -18.41 -20.65 -23.41
CA ILE B 30 -19.14 -19.99 -24.47
C ILE B 30 -19.54 -18.60 -23.99
N ASN B 31 -19.26 -17.58 -24.79
CA ASN B 31 -19.63 -16.21 -24.47
C ASN B 31 -20.96 -15.88 -25.14
N TYR B 32 -21.95 -15.48 -24.33
CA TYR B 32 -23.29 -15.22 -24.83
C TYR B 32 -23.60 -13.74 -24.97
N TYR B 33 -22.79 -12.86 -24.39
CA TYR B 33 -23.07 -11.44 -24.35
C TYR B 33 -22.01 -10.68 -25.15
N ARG B 34 -22.47 -9.75 -25.99
CA ARG B 34 -21.57 -9.03 -26.88
C ARG B 34 -20.55 -8.23 -26.09
N ASP B 35 -20.97 -7.55 -25.03
CA ASP B 35 -20.08 -6.70 -24.27
C ASP B 35 -19.06 -7.53 -23.50
N SER B 36 -17.82 -7.04 -23.48
CA SER B 36 -16.74 -7.79 -22.85
C SER B 36 -16.90 -7.85 -21.34
N ALA B 37 -17.43 -6.81 -20.72
CA ALA B 37 -17.62 -6.81 -19.27
C ALA B 37 -18.51 -7.95 -18.80
N SER B 38 -19.36 -8.47 -19.68
CA SER B 38 -20.26 -9.56 -19.31
C SER B 38 -19.58 -10.92 -19.28
N ASN B 39 -18.35 -11.03 -19.76
CA ASN B 39 -17.65 -12.30 -19.73
C ASN B 39 -17.33 -12.70 -18.30
N ALA B 40 -17.04 -13.99 -18.11
CA ALA B 40 -16.63 -14.50 -16.83
C ALA B 40 -15.13 -14.28 -16.62
N ALA B 41 -14.69 -14.45 -15.39
CA ALA B 41 -13.27 -14.28 -15.06
C ALA B 41 -12.45 -15.42 -15.61
N ASP B 80 30.20 -0.63 -7.11
CA ASP B 80 28.87 -0.10 -6.84
C ASP B 80 28.96 1.20 -6.06
N ARG B 81 29.99 1.31 -5.21
CA ARG B 81 30.14 2.49 -4.38
C ARG B 81 30.26 3.75 -5.23
N VAL B 82 30.99 3.67 -6.33
CA VAL B 82 31.33 4.84 -7.12
C VAL B 82 30.19 5.17 -8.07
N LEU B 83 29.88 6.47 -8.18
CA LEU B 83 28.80 6.93 -9.03
C LEU B 83 29.09 8.35 -9.50
N GLN B 84 28.78 8.62 -10.76
CA GLN B 84 28.88 9.98 -11.30
C GLN B 84 27.87 10.09 -12.43
N LEU B 85 26.96 11.05 -12.32
CA LEU B 85 25.85 11.19 -13.25
C LEU B 85 25.68 12.65 -13.64
N THR B 86 25.50 12.89 -14.93
CA THR B 86 25.42 14.24 -15.48
C THR B 86 24.07 14.45 -16.15
N LEU B 87 23.38 15.54 -15.76
CA LEU B 87 22.10 15.94 -16.32
C LEU B 87 22.26 17.41 -16.74
N GLY B 88 22.28 17.65 -18.04
CA GLY B 88 22.37 19.00 -18.53
C GLY B 88 23.71 19.59 -18.19
N ASN B 89 23.70 20.76 -17.56
CA ASN B 89 24.92 21.41 -17.10
C ASN B 89 25.29 21.03 -15.68
N SER B 90 24.59 20.08 -15.07
CA SER B 90 24.82 19.69 -13.70
C SER B 90 25.45 18.31 -13.64
N THR B 91 26.41 18.14 -12.74
CA THR B 91 27.06 16.85 -12.53
C THR B 91 27.05 16.53 -11.04
N ILE B 92 26.83 15.26 -10.73
CA ILE B 92 26.80 14.76 -9.37
C ILE B 92 27.81 13.63 -9.27
N THR B 93 28.61 13.63 -8.20
CA THR B 93 29.58 12.58 -7.94
C THR B 93 29.38 12.07 -6.51
N ALA B 94 29.68 10.80 -6.30
CA ALA B 94 29.60 10.20 -4.98
C ALA B 94 30.45 8.93 -4.99
N GLN B 95 31.50 8.91 -4.19
CA GLN B 95 32.43 7.79 -4.19
C GLN B 95 31.96 6.61 -3.35
N GLU B 96 30.96 6.80 -2.50
CA GLU B 96 30.46 5.76 -1.61
C GLU B 96 28.93 5.71 -1.66
N ALA B 97 28.38 5.73 -2.86
CA ALA B 97 26.94 5.60 -3.07
C ALA B 97 26.65 4.17 -3.48
N ALA B 98 25.69 3.54 -2.81
CA ALA B 98 25.44 2.10 -2.96
C ALA B 98 24.50 1.82 -4.12
N ASN B 99 24.93 2.21 -5.32
CA ASN B 99 24.18 1.92 -6.53
C ASN B 99 22.89 2.74 -6.54
N SER B 100 22.04 2.54 -7.54
CA SER B 100 20.82 3.32 -7.71
C SER B 100 19.62 2.40 -7.79
N VAL B 101 18.44 2.96 -7.52
CA VAL B 101 17.17 2.26 -7.63
C VAL B 101 16.39 2.89 -8.76
N VAL B 102 16.14 2.12 -9.82
CA VAL B 102 15.22 2.54 -10.87
C VAL B 102 13.84 2.10 -10.41
N ALA B 103 13.14 3.01 -9.72
CA ALA B 103 11.87 2.69 -9.12
C ALA B 103 10.97 1.97 -10.11
N TYR B 104 10.52 0.78 -9.73
CA TYR B 104 9.65 -0.06 -10.56
C TYR B 104 10.32 -0.49 -11.85
N GLY B 105 11.65 -0.36 -11.94
CA GLY B 105 12.37 -0.82 -13.12
C GLY B 105 11.91 -0.18 -14.41
N ARG B 106 11.61 1.12 -14.37
CA ARG B 106 11.14 1.85 -15.55
C ARG B 106 11.89 3.17 -15.62
N TRP B 107 12.70 3.35 -16.64
CA TRP B 107 13.40 4.62 -16.81
C TRP B 107 12.42 5.67 -17.36
N PRO B 108 12.52 6.92 -16.92
CA PRO B 108 11.62 7.94 -17.46
C PRO B 108 11.73 8.04 -18.97
N GLU B 109 10.58 8.20 -19.62
CA GLU B 109 10.52 8.28 -21.07
C GLU B 109 9.58 9.39 -21.50
N TYR B 110 9.87 9.98 -22.65
CA TYR B 110 8.96 10.96 -23.24
C TYR B 110 7.64 10.29 -23.61
N LEU B 111 6.57 11.08 -23.59
CA LEU B 111 5.26 10.55 -23.94
C LEU B 111 5.28 10.00 -25.36
N ARG B 112 4.76 8.78 -25.51
CA ARG B 112 4.68 8.12 -26.80
C ARG B 112 3.30 8.35 -27.40
N ASP B 113 3.27 8.67 -28.69
CA ASP B 113 2.01 9.04 -29.33
C ASP B 113 0.98 7.92 -29.23
N SER B 114 1.42 6.68 -29.08
CA SER B 114 0.48 5.57 -28.96
C SER B 114 -0.43 5.71 -27.75
N GLU B 115 -0.01 6.48 -26.74
CA GLU B 115 -0.78 6.70 -25.53
C GLU B 115 -0.83 8.19 -25.20
N ALA B 116 -1.13 9.01 -26.21
CA ALA B 116 -1.11 10.46 -26.11
C ALA B 116 -2.54 10.99 -26.12
N ASN B 117 -2.95 11.60 -25.01
CA ASN B 117 -4.30 12.13 -24.88
C ASN B 117 -4.43 13.50 -25.55
N PRO B 118 -3.62 14.49 -25.18
CA PRO B 118 -3.75 15.82 -25.80
C PRO B 118 -3.10 15.88 -27.18
N VAL B 119 -3.44 16.94 -27.91
CA VAL B 119 -3.01 17.09 -29.29
C VAL B 119 -1.92 18.15 -29.41
N ASP B 120 -1.92 19.12 -28.49
CA ASP B 120 -1.02 20.27 -28.61
C ASP B 120 0.43 19.82 -28.64
N GLN B 121 1.22 20.52 -29.44
CA GLN B 121 2.64 20.20 -29.54
C GLN B 121 3.30 20.38 -28.16
N PRO B 122 4.04 19.39 -27.67
CA PRO B 122 4.60 19.51 -26.33
C PRO B 122 5.90 20.29 -26.32
N THR B 123 6.06 21.12 -25.28
CA THR B 123 7.28 21.89 -25.07
C THR B 123 8.17 21.11 -24.09
N GLU B 124 9.28 20.59 -24.58
CA GLU B 124 10.24 19.89 -23.73
C GLU B 124 11.41 20.82 -23.46
N PRO B 125 11.57 21.35 -22.24
CA PRO B 125 12.72 22.24 -21.98
C PRO B 125 14.05 21.57 -22.24
N GLU B 126 14.16 20.26 -21.98
CA GLU B 126 15.40 19.52 -22.16
C GLU B 126 16.42 20.08 -21.18
N VAL B 127 17.51 20.68 -21.63
CA VAL B 127 18.62 21.01 -20.73
C VAL B 127 18.20 22.06 -19.71
N ALA B 128 17.34 23.00 -20.12
CA ALA B 128 17.02 24.12 -19.25
C ALA B 128 16.23 23.72 -18.01
N ALA B 129 15.59 22.55 -18.02
CA ALA B 129 14.79 22.10 -16.89
C ALA B 129 15.20 20.75 -16.33
N CYS B 130 15.92 19.94 -17.10
CA CYS B 130 16.36 18.63 -16.63
C CYS B 130 17.73 18.75 -15.96
N ARG B 131 17.79 19.59 -14.94
CA ARG B 131 19.00 19.85 -14.18
C ARG B 131 18.82 19.41 -12.74
N PHE B 132 19.93 19.33 -12.02
CA PHE B 132 19.93 18.96 -10.61
C PHE B 132 19.80 20.21 -9.76
N TYR B 133 18.65 20.38 -9.12
CA TYR B 133 18.43 21.46 -8.17
C TYR B 133 18.63 20.93 -6.76
N THR B 134 19.47 21.61 -5.97
CA THR B 134 19.73 21.21 -4.61
C THR B 134 18.78 21.95 -3.68
N LEU B 135 17.80 21.24 -3.14
CA LEU B 135 16.89 21.83 -2.17
C LEU B 135 17.65 22.14 -0.89
N ASP B 136 17.00 22.93 -0.02
CA ASP B 136 17.64 23.35 1.21
C ASP B 136 18.10 22.15 2.02
N THR B 137 19.01 22.42 2.97
CA THR B 137 19.59 21.39 3.82
C THR B 137 18.86 21.37 5.15
N VAL B 138 18.84 20.19 5.78
CA VAL B 138 18.12 19.96 7.02
C VAL B 138 19.02 19.23 7.99
N SER B 139 19.01 19.67 9.25
CA SER B 139 19.86 19.08 10.28
C SER B 139 19.21 17.82 10.84
N TRP B 140 19.96 16.73 10.88
CA TRP B 140 19.49 15.46 11.42
C TRP B 140 19.95 15.33 12.88
N THR B 141 19.35 16.15 13.73
CA THR B 141 19.62 16.03 15.16
C THR B 141 19.15 14.68 15.66
N LYS B 142 19.54 14.37 16.90
CA LYS B 142 19.20 13.06 17.46
C LYS B 142 17.69 12.88 17.57
N GLU B 143 16.99 13.92 18.04
CA GLU B 143 15.54 13.85 18.24
C GLU B 143 14.80 14.47 17.06
N SER B 144 15.04 13.92 15.87
CA SER B 144 14.32 14.31 14.67
C SER B 144 13.66 13.07 14.06
N ARG B 145 12.41 13.20 13.67
CA ARG B 145 11.61 12.04 13.28
C ARG B 145 11.56 11.80 11.78
N GLY B 146 11.72 12.82 10.96
CA GLY B 146 11.73 12.62 9.52
C GLY B 146 11.33 13.87 8.79
N TRP B 147 11.33 13.76 7.47
CA TRP B 147 10.99 14.86 6.58
C TRP B 147 10.29 14.31 5.36
N TRP B 148 9.52 15.16 4.67
CA TRP B 148 8.84 14.74 3.46
C TRP B 148 8.69 15.92 2.52
N TRP B 149 9.08 15.72 1.26
CA TRP B 149 8.94 16.71 0.20
C TRP B 149 8.09 16.12 -0.92
N LYS B 150 7.05 16.82 -1.31
CA LYS B 150 6.20 16.38 -2.41
C LYS B 150 6.73 16.92 -3.73
N LEU B 151 6.66 16.10 -4.77
CA LEU B 151 7.13 16.48 -6.10
C LEU B 151 5.98 16.49 -7.08
N PRO B 152 5.99 17.38 -8.08
CA PRO B 152 7.01 18.41 -8.36
C PRO B 152 6.80 19.68 -7.55
N ASP B 153 5.96 19.64 -6.52
CA ASP B 153 5.68 20.84 -5.74
C ASP B 153 6.96 21.42 -5.15
N ALA B 154 7.97 20.59 -4.93
CA ALA B 154 9.24 21.11 -4.41
C ALA B 154 9.94 21.97 -5.45
N LEU B 155 9.95 21.52 -6.70
CA LEU B 155 10.59 22.27 -7.79
C LEU B 155 9.61 23.25 -8.44
N ARG B 156 8.97 24.09 -7.64
CA ARG B 156 8.05 25.08 -8.15
C ARG B 156 8.68 26.46 -8.25
N ASP B 157 9.69 26.75 -7.43
CA ASP B 157 10.46 27.97 -7.51
C ASP B 157 11.93 27.66 -7.74
N MET B 158 12.19 26.70 -8.62
CA MET B 158 13.54 26.25 -8.96
C MET B 158 13.76 26.49 -10.44
N GLY B 159 14.49 27.56 -10.78
CA GLY B 159 14.91 27.78 -12.14
C GLY B 159 13.74 27.85 -13.10
N LEU B 160 13.98 27.39 -14.34
CA LEU B 160 12.98 27.46 -15.38
C LEU B 160 11.93 26.36 -15.28
N PHE B 161 12.19 25.31 -14.50
CA PHE B 161 11.18 24.26 -14.34
C PHE B 161 9.92 24.81 -13.68
N GLY B 162 10.09 25.64 -12.65
CA GLY B 162 8.94 26.27 -12.03
C GLY B 162 8.17 27.12 -13.00
N GLN B 163 8.87 27.92 -13.81
CA GLN B 163 8.21 28.77 -14.79
C GLN B 163 7.44 27.94 -15.79
N ASN B 164 8.05 26.86 -16.29
CA ASN B 164 7.37 26.03 -17.27
C ASN B 164 6.13 25.37 -16.68
N MET B 165 6.23 24.86 -15.44
CA MET B 165 5.08 24.17 -14.88
C MET B 165 3.96 25.15 -14.53
N TYR B 166 4.29 26.39 -14.17
CA TYR B 166 3.25 27.36 -13.90
C TYR B 166 2.61 27.87 -15.20
N TYR B 167 3.41 28.09 -16.24
CA TYR B 167 2.87 28.58 -17.50
C TYR B 167 2.03 27.51 -18.19
N HIS B 168 2.55 26.29 -18.30
CA HIS B 168 1.87 25.24 -19.02
C HIS B 168 0.80 24.59 -18.14
N TYR B 169 -0.32 24.22 -18.77
CA TYR B 169 -1.42 23.61 -18.03
C TYR B 169 -1.07 22.19 -17.61
N LEU B 170 -0.80 21.32 -18.58
CA LEU B 170 -0.47 19.93 -18.31
C LEU B 170 1.04 19.73 -18.34
N GLY B 171 1.52 18.83 -17.49
CA GLY B 171 2.93 18.52 -17.46
C GLY B 171 3.23 17.19 -16.83
N ARG B 172 4.12 16.42 -17.46
CA ARG B 172 4.60 15.16 -16.92
C ARG B 172 6.11 15.21 -16.80
N SER B 173 6.65 14.42 -15.88
CA SER B 173 8.09 14.39 -15.71
C SER B 173 8.47 13.26 -14.76
N GLY B 174 9.58 12.59 -15.07
CA GLY B 174 10.24 11.74 -14.10
C GLY B 174 11.21 12.55 -13.28
N TYR B 175 11.84 11.90 -12.32
CA TYR B 175 12.80 12.57 -11.45
C TYR B 175 13.99 11.67 -11.17
N THR B 176 15.09 12.31 -10.80
CA THR B 176 16.26 11.63 -10.26
C THR B 176 16.59 12.32 -8.95
N VAL B 177 16.33 11.64 -7.83
CA VAL B 177 16.53 12.20 -6.51
C VAL B 177 17.82 11.62 -5.95
N HIS B 178 18.75 12.51 -5.56
CA HIS B 178 19.99 12.12 -4.93
C HIS B 178 19.99 12.69 -3.52
N VAL B 179 19.89 11.82 -2.53
CA VAL B 179 19.93 12.20 -1.12
C VAL B 179 21.35 12.03 -0.64
N GLN B 180 21.93 13.11 -0.10
CA GLN B 180 23.33 13.15 0.30
C GLN B 180 23.41 13.41 1.80
N CYS B 181 24.11 12.53 2.50
CA CYS B 181 24.36 12.71 3.93
C CYS B 181 25.59 11.91 4.29
N ASN B 182 26.64 12.58 4.75
CA ASN B 182 27.94 11.96 5.00
C ASN B 182 28.31 12.15 6.45
N ALA B 183 28.89 11.09 7.04
CA ALA B 183 29.32 11.13 8.43
C ALA B 183 30.62 10.36 8.55
N SER B 184 31.33 10.62 9.64
CA SER B 184 32.63 9.98 9.87
C SER B 184 32.45 8.50 10.15
N LYS B 185 33.56 7.77 10.15
CA LYS B 185 33.51 6.36 10.53
C LYS B 185 33.04 6.18 11.96
N PHE B 186 33.13 7.23 12.79
CA PHE B 186 32.75 7.15 14.19
C PHE B 186 31.30 7.54 14.43
N HIS B 187 30.54 7.85 13.38
CA HIS B 187 29.13 8.17 13.53
C HIS B 187 28.29 6.91 13.36
N GLN B 188 27.07 6.97 13.89
CA GLN B 188 26.20 5.82 13.98
C GLN B 188 24.77 6.24 13.68
N GLY B 189 24.21 5.71 12.60
CA GLY B 189 22.84 6.04 12.25
C GLY B 189 22.47 5.38 10.94
N ALA B 190 21.22 5.61 10.53
CA ALA B 190 20.73 5.07 9.27
C ALA B 190 19.43 5.75 8.86
N LEU B 191 19.39 6.27 7.64
CA LEU B 191 18.18 6.87 7.09
C LEU B 191 17.52 5.91 6.11
N GLY B 192 16.21 6.08 5.94
CA GLY B 192 15.48 5.38 4.91
C GLY B 192 14.74 6.39 4.05
N VAL B 193 15.03 6.37 2.75
CA VAL B 193 14.42 7.27 1.78
C VAL B 193 13.45 6.46 0.94
N PHE B 194 12.16 6.82 1.02
CA PHE B 194 11.11 6.14 0.29
C PHE B 194 10.47 7.12 -0.67
N ALA B 195 10.28 6.70 -1.93
CA ALA B 195 9.62 7.52 -2.94
C ALA B 195 8.17 7.05 -3.02
N VAL B 196 7.34 7.60 -2.13
CA VAL B 196 5.94 7.21 -2.01
C VAL B 196 5.16 7.75 -3.20
N PRO B 197 4.51 6.91 -4.01
CA PRO B 197 3.67 7.44 -5.08
C PRO B 197 2.30 7.84 -4.55
N GLU B 198 1.76 8.93 -5.09
CA GLU B 198 0.45 9.42 -4.66
C GLU B 198 0.43 9.62 -3.15
N MET B 199 1.53 10.13 -2.61
CA MET B 199 1.69 10.18 -1.16
C MET B 199 0.64 11.09 -0.55
N CYS B 200 -0.36 10.50 0.09
CA CYS B 200 -1.30 11.26 0.90
C CYS B 200 -0.82 11.27 2.35
N LEU B 201 -1.36 12.20 3.13
CA LEU B 201 -1.05 12.31 4.54
C LEU B 201 -2.31 12.63 5.31
N ALA B 202 -2.36 12.17 6.56
CA ALA B 202 -3.54 12.34 7.38
C ALA B 202 -3.66 13.78 7.88
N GLY B 203 -4.89 14.23 8.05
CA GLY B 203 -5.16 15.55 8.57
C GLY B 203 -4.95 15.62 10.07
N ASP B 204 -5.11 16.83 10.60
CA ASP B 204 -4.91 17.09 12.01
C ASP B 204 -6.21 17.17 12.81
N SER B 205 -7.35 17.24 12.14
CA SER B 205 -8.64 17.40 12.80
C SER B 205 -9.40 16.08 12.76
N ASN B 206 -9.87 15.62 13.91
CA ASN B 206 -10.73 14.45 13.97
C ASN B 206 -12.19 14.79 13.72
N THR B 207 -12.55 16.07 13.67
CA THR B 207 -13.92 16.48 13.40
C THR B 207 -14.20 16.65 11.91
N THR B 208 -13.18 16.59 11.07
CA THR B 208 -13.37 16.76 9.63
C THR B 208 -12.35 15.88 8.90
N THR B 209 -12.66 15.59 7.64
CA THR B 209 -11.81 14.73 6.81
C THR B 209 -11.49 15.46 5.51
N MET B 210 -10.27 15.24 5.01
CA MET B 210 -9.82 15.84 3.76
C MET B 210 -9.93 17.36 3.81
N HIS B 211 -9.65 17.94 4.97
CA HIS B 211 -9.83 19.37 5.20
C HIS B 211 -8.56 20.18 5.06
N THR B 212 -7.45 19.55 4.70
CA THR B 212 -6.19 20.29 4.59
C THR B 212 -6.27 21.30 3.46
N SER B 213 -5.56 22.41 3.65
CA SER B 213 -5.56 23.50 2.67
C SER B 213 -4.42 23.32 1.67
N TYR B 214 -4.55 24.02 0.54
CA TYR B 214 -3.52 23.95 -0.49
C TYR B 214 -2.20 24.50 0.03
N GLN B 215 -2.25 25.59 0.79
CA GLN B 215 -1.02 26.23 1.24
C GLN B 215 -0.23 25.31 2.17
N ASN B 216 -0.93 24.61 3.06
CA ASN B 216 -0.25 23.78 4.05
C ASN B 216 0.14 22.42 3.49
N ALA B 217 -0.58 21.92 2.49
CA ALA B 217 -0.27 20.63 1.90
C ALA B 217 0.82 20.70 0.84
N ASN B 218 1.30 21.90 0.51
CA ASN B 218 2.35 22.10 -0.49
C ASN B 218 3.39 23.04 0.10
N PRO B 219 4.20 22.55 1.04
CA PRO B 219 5.19 23.42 1.68
C PRO B 219 6.20 24.02 0.72
N GLY B 220 6.47 23.36 -0.40
CA GLY B 220 7.44 23.83 -1.37
C GLY B 220 8.77 23.08 -1.23
N GLU B 221 9.88 23.83 -1.25
CA GLU B 221 11.18 23.23 -1.02
C GLU B 221 11.49 23.07 0.46
N LYS B 222 10.85 23.87 1.32
CA LYS B 222 11.08 23.74 2.75
C LYS B 222 10.72 22.35 3.24
N GLY B 223 9.76 21.70 2.59
CA GLY B 223 9.36 20.37 2.98
C GLY B 223 8.49 20.36 4.22
N GLY B 224 8.23 19.14 4.70
CA GLY B 224 7.48 18.94 5.91
C GLY B 224 8.25 18.04 6.87
N THR B 225 7.62 17.78 8.01
CA THR B 225 8.22 16.96 9.05
C THR B 225 7.19 15.99 9.60
N PHE B 226 7.68 14.85 10.09
CA PHE B 226 6.83 13.89 10.77
C PHE B 226 6.85 14.17 12.27
N THR B 227 5.68 14.10 12.89
CA THR B 227 5.54 14.36 14.32
C THR B 227 5.55 13.03 15.07
N GLY B 228 6.18 13.03 16.25
CA GLY B 228 6.29 11.81 17.02
C GLY B 228 4.94 11.28 17.46
N THR B 229 4.05 12.17 17.91
CA THR B 229 2.75 11.77 18.44
C THR B 229 1.66 12.62 17.82
N PHE B 230 0.51 12.00 17.57
CA PHE B 230 -0.64 12.71 17.02
C PHE B 230 -1.17 13.72 18.01
N THR B 231 -1.65 14.85 17.49
CA THR B 231 -2.24 15.89 18.32
C THR B 231 -3.40 16.53 17.57
N PRO B 232 -4.65 16.29 17.96
CA PRO B 232 -5.77 16.86 17.21
C PRO B 232 -5.74 18.37 17.21
N ASP B 233 -6.19 18.96 16.09
CA ASP B 233 -6.31 20.41 15.97
C ASP B 233 -7.64 20.81 16.60
N ASN B 234 -7.62 20.93 17.93
CA ASN B 234 -8.85 21.14 18.69
C ASN B 234 -9.52 22.47 18.37
N ASN B 235 -8.80 23.42 17.76
CA ASN B 235 -9.39 24.71 17.44
C ASN B 235 -10.55 24.55 16.47
N GLN B 236 -11.77 24.78 16.94
CA GLN B 236 -12.96 24.61 16.12
C GLN B 236 -13.40 25.90 15.45
N THR B 237 -12.78 27.03 15.77
CA THR B 237 -13.14 28.31 15.16
C THR B 237 -12.42 28.51 13.82
N SER B 238 -11.09 28.43 13.84
CA SER B 238 -10.26 28.60 12.66
C SER B 238 -9.31 27.41 12.57
N PRO B 239 -9.79 26.28 12.04
CA PRO B 239 -8.93 25.09 11.96
C PRO B 239 -7.67 25.37 11.15
N ALA B 240 -6.55 24.81 11.61
CA ALA B 240 -5.28 25.03 10.94
C ALA B 240 -5.21 24.35 9.58
N ARG B 241 -6.04 23.32 9.35
CA ARG B 241 -6.04 22.60 8.08
C ARG B 241 -4.63 22.21 7.68
N ARG B 242 -3.93 21.54 8.60
CA ARG B 242 -2.51 21.27 8.47
C ARG B 242 -2.26 19.79 8.67
N PHE B 243 -1.33 19.24 7.88
CA PHE B 243 -0.98 17.83 8.01
C PHE B 243 -0.40 17.54 9.39
N CYS B 244 -0.75 16.38 9.94
CA CYS B 244 -0.17 15.90 11.19
C CYS B 244 0.16 14.42 11.04
N PRO B 245 1.15 14.09 10.22
CA PRO B 245 1.48 12.68 9.97
C PRO B 245 2.36 12.12 11.08
N VAL B 246 1.92 11.03 11.69
CA VAL B 246 2.69 10.38 12.74
C VAL B 246 3.84 9.62 12.11
N ASP B 247 5.01 9.66 12.75
CA ASP B 247 6.23 9.17 12.12
C ASP B 247 6.14 7.69 11.81
N TYR B 248 5.76 6.87 12.80
CA TYR B 248 5.80 5.42 12.59
C TYR B 248 4.66 4.96 11.69
N LEU B 249 3.54 5.68 11.66
CA LEU B 249 2.47 5.36 10.74
C LEU B 249 2.74 5.84 9.33
N LEU B 250 3.80 6.62 9.12
CA LEU B 250 4.17 7.18 7.83
C LEU B 250 3.20 8.24 7.34
N GLY B 251 2.23 8.62 8.16
CA GLY B 251 1.24 9.62 7.77
C GLY B 251 0.00 9.04 7.13
N ASN B 252 0.18 8.11 6.19
CA ASN B 252 -0.97 7.54 5.49
C ASN B 252 -1.87 6.74 6.41
N GLY B 253 -1.38 6.33 7.57
CA GLY B 253 -2.10 5.42 8.45
C GLY B 253 -1.61 4.00 8.40
N THR B 254 -0.73 3.67 7.46
CA THR B 254 -0.13 2.34 7.40
C THR B 254 0.98 2.24 8.44
N LEU B 255 1.81 1.21 8.36
CA LEU B 255 2.95 1.05 9.25
C LEU B 255 4.24 1.37 8.51
N LEU B 256 5.22 1.86 9.26
CA LEU B 256 6.52 2.19 8.67
C LEU B 256 7.23 0.94 8.17
N GLY B 257 7.15 -0.16 8.92
CA GLY B 257 7.88 -1.35 8.54
C GLY B 257 7.55 -1.82 7.15
N ASN B 258 6.27 -1.79 6.79
CA ASN B 258 5.85 -2.19 5.45
C ASN B 258 6.20 -1.16 4.39
N ALA B 259 6.56 0.06 4.79
CA ALA B 259 6.83 1.12 3.83
C ALA B 259 7.93 0.75 2.82
N PHE B 260 8.64 -0.34 3.05
CA PHE B 260 9.67 -0.78 2.12
C PHE B 260 9.08 -1.32 0.82
N VAL B 261 7.77 -1.51 0.74
CA VAL B 261 7.17 -1.90 -0.54
C VAL B 261 7.38 -0.81 -1.57
N PHE B 262 7.35 0.45 -1.15
CA PHE B 262 7.63 1.55 -2.05
C PHE B 262 9.08 1.48 -2.52
N PRO B 263 9.39 2.10 -3.66
CA PRO B 263 10.80 2.24 -4.04
C PRO B 263 11.54 2.96 -2.93
N HIS B 264 12.72 2.45 -2.59
CA HIS B 264 13.38 2.95 -1.40
C HIS B 264 14.87 2.64 -1.46
N GLN B 265 15.62 3.37 -0.65
CA GLN B 265 17.00 3.05 -0.35
C GLN B 265 17.28 3.40 1.10
N ILE B 266 18.41 2.91 1.61
CA ILE B 266 18.83 3.16 2.99
C ILE B 266 20.21 3.77 2.96
N ILE B 267 20.37 4.87 3.67
CA ILE B 267 21.65 5.55 3.81
C ILE B 267 22.18 5.15 5.19
N ASN B 268 22.99 4.11 5.21
CA ASN B 268 23.58 3.60 6.45
C ASN B 268 24.98 4.21 6.58
N LEU B 269 25.16 5.06 7.59
CA LEU B 269 26.38 5.87 7.65
C LEU B 269 27.63 5.01 7.72
N ARG B 270 27.53 3.75 8.15
CA ARG B 270 28.70 2.89 8.16
C ARG B 270 29.11 2.47 6.74
N THR B 271 28.14 2.34 5.84
CA THR B 271 28.40 1.79 4.51
C THR B 271 28.37 2.85 3.42
N ASN B 272 27.27 3.59 3.29
CA ASN B 272 27.10 4.53 2.19
C ASN B 272 26.59 5.87 2.72
N ASN B 273 26.90 6.93 1.98
CA ASN B 273 26.52 8.29 2.35
C ASN B 273 25.59 8.93 1.32
N CYS B 274 25.06 8.17 0.37
CA CYS B 274 24.22 8.72 -0.67
C CYS B 274 23.17 7.70 -1.05
N ALA B 275 22.09 8.19 -1.66
CA ALA B 275 21.01 7.32 -2.12
C ALA B 275 20.42 7.92 -3.40
N THR B 276 20.43 7.16 -4.48
CA THR B 276 19.95 7.62 -5.77
C THR B 276 18.67 6.86 -6.12
N LEU B 277 17.64 7.61 -6.53
CA LEU B 277 16.36 7.03 -6.92
C LEU B 277 15.94 7.64 -8.25
N VAL B 278 15.76 6.79 -9.26
CA VAL B 278 15.25 7.23 -10.56
C VAL B 278 13.76 6.90 -10.57
N LEU B 279 12.93 7.92 -10.38
CA LEU B 279 11.49 7.76 -10.26
C LEU B 279 10.85 8.01 -11.61
N PRO B 280 10.18 7.03 -12.23
CA PRO B 280 9.48 7.31 -13.49
C PRO B 280 8.22 8.11 -13.23
N TYR B 281 7.43 8.36 -14.28
CA TYR B 281 6.17 9.08 -14.15
C TYR B 281 5.06 8.05 -14.03
N VAL B 282 4.53 7.89 -12.82
CA VAL B 282 3.42 6.99 -12.54
C VAL B 282 2.19 7.85 -12.25
N ASN B 283 1.10 7.56 -12.95
CA ASN B 283 -0.13 8.32 -12.77
C ASN B 283 -1.23 7.62 -13.57
N SER B 284 -2.46 7.74 -13.09
CA SER B 284 -3.60 7.20 -13.82
C SER B 284 -3.73 7.84 -15.19
N LEU B 285 -3.15 9.02 -15.39
CA LEU B 285 -3.28 9.78 -16.61
C LEU B 285 -1.91 9.90 -17.26
N SER B 286 -1.89 9.90 -18.59
CA SER B 286 -0.63 10.05 -19.30
C SER B 286 0.04 11.38 -18.97
N ILE B 287 -0.75 12.45 -18.93
CA ILE B 287 -0.26 13.78 -18.56
C ILE B 287 -1.32 14.43 -17.68
N ASP B 288 -0.86 15.15 -16.65
CA ASP B 288 -1.78 15.74 -15.69
C ASP B 288 -1.22 17.05 -15.18
N SER B 289 -2.11 17.88 -14.66
CA SER B 289 -1.73 19.18 -14.12
C SER B 289 -0.69 19.02 -13.02
N MET B 290 0.37 19.82 -13.08
CA MET B 290 1.42 19.77 -12.08
C MET B 290 1.15 20.64 -10.88
N VAL B 291 0.30 21.66 -11.02
CA VAL B 291 0.00 22.54 -9.89
C VAL B 291 -1.02 21.92 -8.94
N LYS B 292 -1.83 20.99 -9.42
CA LYS B 292 -2.82 20.32 -8.58
C LYS B 292 -2.29 19.01 -8.02
N HIS B 293 -1.89 18.10 -8.90
CA HIS B 293 -1.55 16.73 -8.52
C HIS B 293 -0.04 16.61 -8.32
N ASN B 294 0.37 16.15 -7.14
CA ASN B 294 1.76 15.85 -6.84
C ASN B 294 1.97 14.35 -6.99
N ASN B 295 2.64 13.95 -8.08
CA ASN B 295 2.72 12.54 -8.42
C ASN B 295 3.43 11.74 -7.33
N TRP B 296 4.70 12.03 -7.10
CA TRP B 296 5.52 11.29 -6.16
C TRP B 296 5.57 12.00 -4.82
N GLY B 297 6.37 11.45 -3.91
CA GLY B 297 6.67 12.11 -2.65
C GLY B 297 7.84 11.42 -1.97
N ILE B 298 8.84 12.20 -1.56
CA ILE B 298 10.03 11.66 -0.91
C ILE B 298 9.84 11.77 0.59
N ALA B 299 10.03 10.66 1.30
CA ALA B 299 9.96 10.63 2.75
C ALA B 299 11.27 10.06 3.29
N ILE B 300 11.96 10.85 4.10
CA ILE B 300 13.22 10.44 4.70
C ILE B 300 12.96 10.28 6.20
N LEU B 301 13.07 9.04 6.68
CA LEU B 301 12.86 8.75 8.09
C LEU B 301 14.08 8.07 8.67
N PRO B 302 14.56 8.46 9.85
CA PRO B 302 15.75 7.81 10.43
C PRO B 302 15.36 6.50 11.10
N LEU B 303 15.76 5.39 10.47
CA LEU B 303 15.45 4.07 11.02
C LEU B 303 16.12 3.87 12.37
N ALA B 304 17.39 4.26 12.48
CA ALA B 304 18.14 4.18 13.72
C ALA B 304 18.65 5.58 14.08
N PRO B 305 18.52 6.01 15.32
CA PRO B 305 18.85 7.41 15.65
C PRO B 305 20.34 7.69 15.52
N LEU B 306 20.66 8.95 15.26
CA LEU B 306 22.05 9.36 15.16
C LEU B 306 22.73 9.25 16.52
N ASN B 307 24.00 8.86 16.51
CA ASN B 307 24.79 8.76 17.73
C ASN B 307 26.25 8.94 17.38
N PHE B 308 27.00 9.53 18.30
CA PHE B 308 28.40 9.85 18.02
C PHE B 308 29.15 10.07 19.33
N ALA B 309 30.13 9.20 19.59
CA ALA B 309 31.10 9.38 20.68
C ALA B 309 30.40 9.76 21.99
N SER B 310 29.33 9.03 22.30
CA SER B 310 28.58 9.25 23.54
C SER B 310 28.14 10.71 23.70
N GLU B 311 28.10 11.45 22.59
CA GLU B 311 27.73 12.86 22.62
C GLU B 311 26.23 12.99 22.39
N SER B 312 25.56 13.75 23.25
CA SER B 312 24.10 13.85 23.23
C SER B 312 23.59 14.93 22.30
N SER B 313 24.47 15.65 21.60
CA SER B 313 24.06 16.67 20.64
C SER B 313 24.83 16.50 19.32
N PRO B 314 24.66 15.36 18.64
CA PRO B 314 25.27 15.22 17.33
C PRO B 314 24.34 15.65 16.21
N GLU B 315 24.83 16.48 15.30
CA GLU B 315 24.07 16.94 14.14
C GLU B 315 24.85 16.64 12.89
N ILE B 316 24.16 16.20 11.85
CA ILE B 316 24.74 16.16 10.51
C ILE B 316 23.69 16.64 9.52
N PRO B 317 24.07 17.30 8.44
CA PRO B 317 23.08 17.81 7.49
C PRO B 317 22.77 16.83 6.37
N ILE B 318 21.51 16.85 5.93
CA ILE B 318 21.03 16.03 4.84
C ILE B 318 20.58 16.95 3.71
N THR B 319 21.01 16.66 2.49
CA THR B 319 20.67 17.47 1.34
C THR B 319 19.98 16.62 0.29
N LEU B 320 19.10 17.25 -0.47
CA LEU B 320 18.42 16.61 -1.59
C LEU B 320 18.81 17.33 -2.88
N THR B 321 18.99 16.56 -3.94
CA THR B 321 19.28 17.10 -5.26
C THR B 321 18.38 16.39 -6.25
N ILE B 322 17.37 17.09 -6.75
CA ILE B 322 16.33 16.51 -7.59
C ILE B 322 16.52 17.03 -9.01
N ALA B 323 16.48 16.11 -9.97
CA ALA B 323 16.65 16.46 -11.39
C ALA B 323 15.46 15.95 -12.18
N PRO B 324 14.57 16.82 -12.67
CA PRO B 324 13.53 16.35 -13.58
C PRO B 324 14.14 15.70 -14.81
N MET B 325 13.52 14.63 -15.27
CA MET B 325 13.98 13.86 -16.41
C MET B 325 12.82 13.63 -17.36
N CYS B 326 13.09 13.84 -18.65
CA CYS B 326 12.09 13.65 -19.70
C CYS B 326 10.80 14.38 -19.35
N CYS B 327 10.95 15.65 -18.97
CA CYS B 327 9.81 16.48 -18.58
C CYS B 327 9.19 17.12 -19.82
N GLU B 328 7.88 16.95 -19.98
CA GLU B 328 7.14 17.45 -21.12
C GLU B 328 5.95 18.26 -20.62
N PHE B 329 5.56 19.26 -21.41
CA PHE B 329 4.49 20.16 -21.02
C PHE B 329 3.57 20.42 -22.21
N ASN B 330 2.34 20.82 -21.89
CA ASN B 330 1.34 21.16 -22.90
C ASN B 330 0.39 22.20 -22.31
N GLY B 331 -0.31 22.90 -23.20
CA GLY B 331 -1.34 23.83 -22.78
C GLY B 331 -0.84 25.15 -22.22
N LEU B 332 -0.19 25.97 -23.04
CA LEU B 332 0.37 27.22 -22.58
C LEU B 332 -0.70 28.30 -22.47
N ARG B 333 -0.52 29.19 -21.50
CA ARG B 333 -1.50 30.24 -21.22
C ARG B 333 -0.95 31.21 -20.18
N ASN B 334 -1.78 32.15 -19.75
CA ASN B 334 -1.42 33.00 -18.63
C ASN B 334 -0.80 32.16 -17.52
N ILE B 335 0.07 32.80 -16.74
CA ILE B 335 0.86 32.07 -15.75
C ILE B 335 0.07 31.93 -14.48
N THR B 336 0.06 30.72 -13.92
CA THR B 336 -0.59 30.50 -12.63
C THR B 336 0.13 31.29 -11.55
N LEU B 337 -0.64 32.04 -10.76
CA LEU B 337 -0.13 32.76 -9.60
C LEU B 337 -0.90 32.29 -8.38
N PRO B 338 -0.55 31.13 -7.82
CA PRO B 338 -1.35 30.57 -6.73
C PRO B 338 -1.11 31.27 -5.41
N ARG B 339 -2.05 31.07 -4.49
CA ARG B 339 -1.93 31.56 -3.13
C ARG B 339 -1.29 30.47 -2.27
N LEU B 340 -0.14 30.79 -1.67
CA LEU B 340 0.65 29.81 -0.94
C LEU B 340 0.91 30.20 0.51
N GLN B 341 0.74 31.47 0.87
CA GLN B 341 0.96 31.91 2.25
C GLN B 341 -0.23 32.71 2.75
N GLY C 1 -41.02 -25.70 -25.96
CA GLY C 1 -39.57 -25.38 -25.93
C GLY C 1 -38.73 -26.53 -25.39
N LEU C 2 -37.45 -26.27 -25.19
CA LEU C 2 -36.55 -27.32 -24.73
C LEU C 2 -36.97 -27.77 -23.33
N PRO C 3 -36.96 -29.07 -23.04
CA PRO C 3 -37.27 -29.52 -21.68
C PRO C 3 -36.04 -29.44 -20.79
N VAL C 4 -36.16 -28.77 -19.65
CA VAL C 4 -35.06 -28.61 -18.71
C VAL C 4 -35.48 -29.14 -17.35
N MET C 5 -34.56 -29.10 -16.39
CA MET C 5 -34.85 -29.55 -15.03
C MET C 5 -33.91 -28.82 -14.08
N ASN C 6 -34.44 -27.85 -13.34
CA ASN C 6 -33.62 -27.05 -12.43
C ASN C 6 -33.03 -27.93 -11.34
N THR C 7 -31.72 -28.11 -11.38
CA THR C 7 -31.03 -28.89 -10.37
C THR C 7 -30.90 -28.08 -9.08
N PRO C 8 -30.60 -28.75 -7.96
CA PRO C 8 -30.33 -28.00 -6.73
C PRO C 8 -29.16 -27.05 -6.92
N GLY C 9 -29.22 -25.94 -6.20
CA GLY C 9 -28.25 -24.88 -6.37
C GLY C 9 -28.69 -23.80 -7.33
N SER C 10 -29.96 -23.75 -7.70
CA SER C 10 -30.50 -22.72 -8.57
C SER C 10 -31.01 -21.55 -7.76
N ASN C 11 -30.99 -20.38 -8.38
CA ASN C 11 -31.52 -19.16 -7.77
C ASN C 11 -30.83 -18.86 -6.43
N GLN C 12 -29.55 -19.20 -6.33
CA GLN C 12 -28.74 -18.87 -5.17
C GLN C 12 -27.60 -17.95 -5.61
N TYR C 13 -27.23 -17.03 -4.73
CA TYR C 13 -26.09 -16.14 -4.97
C TYR C 13 -24.91 -16.69 -4.19
N LEU C 14 -23.99 -17.32 -4.89
CA LEU C 14 -22.70 -17.71 -4.35
C LEU C 14 -21.68 -16.65 -4.72
N THR C 15 -20.95 -16.15 -3.72
CA THR C 15 -20.06 -15.03 -3.93
C THR C 15 -18.70 -15.45 -4.45
N ALA C 16 -18.60 -16.64 -5.03
CA ALA C 16 -17.34 -17.12 -5.61
C ALA C 16 -17.59 -17.84 -6.93
N ASP C 17 -18.62 -17.43 -7.67
CA ASP C 17 -19.00 -18.08 -8.91
C ASP C 17 -18.72 -17.15 -10.08
N ASN C 18 -18.14 -17.71 -11.15
CA ASN C 18 -17.80 -16.95 -12.35
C ASN C 18 -18.87 -17.20 -13.40
N PHE C 19 -19.95 -16.44 -13.29
CA PHE C 19 -21.08 -16.53 -14.21
C PHE C 19 -21.22 -15.23 -15.00
N GLN C 20 -21.45 -15.37 -16.30
CA GLN C 20 -21.66 -14.21 -17.14
C GLN C 20 -22.97 -13.53 -16.79
N SER C 21 -22.96 -12.19 -16.81
CA SER C 21 -24.14 -11.40 -16.50
C SER C 21 -24.34 -10.33 -17.56
N PRO C 22 -25.57 -9.90 -17.78
CA PRO C 22 -25.81 -8.88 -18.80
C PRO C 22 -25.12 -7.57 -18.47
N CYS C 23 -24.62 -6.89 -19.50
CA CYS C 23 -23.95 -5.62 -19.33
C CYS C 23 -25.00 -4.50 -19.22
N ALA C 24 -24.84 -3.64 -18.22
CA ALA C 24 -25.75 -2.52 -18.03
C ALA C 24 -25.33 -1.28 -18.82
N LEU C 25 -24.16 -1.28 -19.44
CA LEU C 25 -23.67 -0.18 -20.24
C LEU C 25 -23.22 -0.73 -21.58
N PRO C 26 -24.15 -1.16 -22.42
CA PRO C 26 -23.77 -1.77 -23.70
C PRO C 26 -23.08 -0.78 -24.62
N GLU C 27 -22.15 -1.30 -25.42
CA GLU C 27 -21.35 -0.56 -26.38
C GLU C 27 -20.42 0.45 -25.72
N PHE C 28 -20.38 0.50 -24.39
CA PHE C 28 -19.59 1.48 -23.67
C PHE C 28 -18.14 1.45 -24.12
N ASP C 29 -17.67 2.52 -24.74
CA ASP C 29 -16.27 2.60 -25.14
C ASP C 29 -15.39 2.68 -23.89
N VAL C 30 -14.29 1.93 -23.90
CA VAL C 30 -13.44 1.76 -22.73
C VAL C 30 -12.13 2.48 -22.97
N THR C 31 -11.70 3.27 -22.00
CA THR C 31 -10.42 3.95 -22.09
C THR C 31 -9.31 2.89 -22.18
N PRO C 32 -8.46 2.94 -23.20
CA PRO C 32 -7.46 1.88 -23.36
C PRO C 32 -6.47 1.90 -22.22
N PRO C 33 -5.94 0.75 -21.83
CA PRO C 33 -4.91 0.73 -20.78
C PRO C 33 -3.61 1.32 -21.29
N ILE C 34 -2.82 1.86 -20.36
CA ILE C 34 -1.52 2.43 -20.67
C ILE C 34 -0.48 1.78 -19.77
N ASP C 35 0.77 1.83 -20.21
CA ASP C 35 1.85 1.18 -19.47
C ASP C 35 2.19 2.00 -18.23
N ILE C 36 1.57 1.66 -17.10
CA ILE C 36 1.86 2.31 -15.83
C ILE C 36 2.95 1.51 -15.12
N PRO C 37 4.06 2.13 -14.73
CA PRO C 37 5.11 1.35 -14.05
C PRO C 37 4.58 0.67 -12.80
N GLY C 38 5.06 -0.56 -12.58
CA GLY C 38 4.76 -1.27 -11.35
C GLY C 38 3.47 -2.05 -11.38
N GLU C 39 3.32 -2.95 -12.35
CA GLU C 39 2.15 -3.83 -12.42
C GLU C 39 2.43 -5.10 -11.63
N VAL C 40 1.58 -5.39 -10.66
CA VAL C 40 1.70 -6.58 -9.83
C VAL C 40 0.74 -7.64 -10.38
N LYS C 41 1.28 -8.79 -10.73
CA LYS C 41 0.49 -9.88 -11.30
C LYS C 41 0.29 -11.04 -10.31
N ASN C 42 0.68 -10.87 -9.05
CA ASN C 42 0.47 -11.90 -8.05
C ASN C 42 0.76 -11.32 -6.67
N MET C 43 -0.02 -11.72 -5.68
CA MET C 43 0.18 -11.21 -4.34
C MET C 43 1.50 -11.69 -3.75
N MET C 44 1.98 -12.86 -4.18
CA MET C 44 3.27 -13.34 -3.69
C MET C 44 4.38 -12.35 -4.03
N GLU C 45 4.27 -11.64 -5.15
CA GLU C 45 5.28 -10.65 -5.49
C GLU C 45 5.41 -9.60 -4.38
N LEU C 46 4.33 -9.32 -3.65
CA LEU C 46 4.42 -8.41 -2.51
C LEU C 46 5.03 -9.08 -1.29
N ALA C 47 4.78 -10.38 -1.10
CA ALA C 47 5.32 -11.08 0.05
C ALA C 47 6.84 -11.21 -0.02
N GLU C 48 7.43 -11.00 -1.19
CA GLU C 48 8.87 -11.18 -1.38
C GLU C 48 9.66 -9.89 -1.20
N ILE C 49 9.02 -8.82 -0.73
CA ILE C 49 9.69 -7.55 -0.51
C ILE C 49 9.96 -7.41 0.98
N ASP C 50 11.22 -7.19 1.34
CA ASP C 50 11.61 -7.13 2.73
C ASP C 50 10.89 -6.00 3.46
N THR C 51 10.56 -6.25 4.73
CA THR C 51 9.89 -5.27 5.56
C THR C 51 10.36 -5.45 6.99
N MET C 52 10.56 -4.33 7.69
CA MET C 52 11.14 -4.39 9.02
C MET C 52 10.22 -5.12 9.98
N ILE C 53 10.80 -5.97 10.81
CA ILE C 53 10.07 -6.74 11.81
C ILE C 53 10.05 -5.92 13.09
N PRO C 54 8.88 -5.51 13.59
CA PRO C 54 8.85 -4.76 14.84
C PRO C 54 9.22 -5.65 16.03
N PHE C 55 10.51 -5.87 16.23
CA PHE C 55 10.96 -6.85 17.22
C PHE C 55 10.51 -6.49 18.62
N ASP C 56 10.84 -5.29 19.08
CA ASP C 56 10.68 -4.93 20.49
C ASP C 56 9.29 -4.36 20.73
N LEU C 57 8.30 -5.25 20.67
CA LEU C 57 6.91 -4.91 21.00
C LEU C 57 6.70 -5.04 22.51
N SER C 58 7.43 -4.23 23.26
CA SER C 58 7.45 -4.33 24.72
C SER C 58 7.18 -2.97 25.34
N ALA C 59 6.09 -2.87 26.08
CA ALA C 59 5.84 -1.71 26.94
C ALA C 59 5.97 -0.41 26.14
N THR C 60 6.98 0.40 26.48
CA THR C 60 7.11 1.73 25.89
C THR C 60 7.24 1.64 24.36
N LYS C 61 8.20 0.84 23.89
CA LYS C 61 8.54 0.84 22.48
C LYS C 61 7.35 0.54 21.59
N LYS C 62 6.43 -0.31 22.05
CA LYS C 62 5.29 -0.71 21.24
C LYS C 62 4.58 0.50 20.66
N ASN C 63 4.27 0.42 19.36
CA ASN C 63 3.60 1.51 18.64
C ASN C 63 4.45 2.78 18.64
N THR C 64 5.74 2.63 18.39
CA THR C 64 6.64 3.76 18.24
C THR C 64 7.84 3.28 17.43
N MET C 65 8.55 4.22 16.81
CA MET C 65 9.72 3.88 16.03
C MET C 65 10.64 2.94 16.78
N GLU C 66 10.76 3.12 18.09
CA GLU C 66 11.70 2.32 18.88
C GLU C 66 11.44 0.83 18.74
N MET C 67 10.20 0.45 18.42
CA MET C 67 9.87 -0.96 18.33
C MET C 67 10.61 -1.67 17.21
N TYR C 68 11.16 -0.91 16.25
CA TYR C 68 11.89 -1.53 15.14
C TYR C 68 13.38 -1.72 15.43
N ARG C 69 13.88 -1.18 16.54
CA ARG C 69 15.30 -1.25 16.86
C ARG C 69 15.56 -2.34 17.88
N VAL C 70 16.50 -3.23 17.55
CA VAL C 70 17.03 -4.20 18.51
C VAL C 70 18.37 -3.68 18.98
N ARG C 71 18.48 -3.38 20.27
CA ARG C 71 19.65 -2.71 20.81
C ARG C 71 20.70 -3.75 21.21
N LEU C 72 21.87 -3.66 20.59
CA LEU C 72 23.03 -4.43 20.99
C LEU C 72 23.83 -3.62 22.00
N SER C 73 25.05 -4.05 22.30
CA SER C 73 25.88 -3.34 23.27
C SER C 73 27.32 -3.83 23.11
N ASP C 74 28.20 -3.28 23.94
CA ASP C 74 29.59 -3.68 24.04
C ASP C 74 29.85 -4.55 25.26
N LYS C 75 28.81 -5.11 25.85
CA LYS C 75 28.95 -5.88 27.07
C LYS C 75 29.78 -7.14 26.84
N PRO C 76 30.40 -7.67 27.89
CA PRO C 76 31.16 -8.92 27.73
C PRO C 76 30.27 -10.05 27.25
N HIS C 77 30.88 -10.99 26.52
CA HIS C 77 30.13 -12.04 25.84
C HIS C 77 29.22 -12.78 26.82
N THR C 78 27.99 -13.03 26.38
CA THR C 78 27.01 -13.75 27.17
C THR C 78 26.21 -14.66 26.25
N ASP C 79 25.66 -15.73 26.84
CA ASP C 79 24.87 -16.69 26.09
C ASP C 79 23.39 -16.33 26.00
N ASP C 80 22.94 -15.32 26.74
CA ASP C 80 21.54 -14.95 26.70
C ASP C 80 21.17 -14.50 25.28
N PRO C 81 20.07 -14.96 24.71
CA PRO C 81 19.75 -14.59 23.33
C PRO C 81 19.58 -13.08 23.18
N ILE C 82 20.11 -12.54 22.09
CA ILE C 82 19.84 -11.15 21.76
C ILE C 82 18.36 -10.97 21.45
N LEU C 83 17.78 -11.89 20.69
CA LEU C 83 16.36 -11.80 20.39
C LEU C 83 15.80 -13.18 20.12
N CYS C 84 14.48 -13.30 20.23
CA CYS C 84 13.79 -14.56 20.02
C CYS C 84 12.42 -14.29 19.41
N LEU C 85 11.98 -15.21 18.56
CA LEU C 85 10.65 -15.11 17.96
C LEU C 85 10.28 -16.47 17.37
N SER C 86 9.04 -16.88 17.62
CA SER C 86 8.53 -18.10 17.01
C SER C 86 8.22 -17.86 15.53
N LEU C 87 8.42 -18.89 14.72
CA LEU C 87 8.19 -18.79 13.28
C LEU C 87 6.72 -19.04 12.95
N SER C 88 5.88 -18.18 13.49
CA SER C 88 4.46 -18.14 13.15
C SER C 88 4.20 -16.87 12.36
N PRO C 89 4.52 -16.85 11.07
CA PRO C 89 4.52 -15.57 10.34
C PRO C 89 3.18 -14.86 10.35
N ALA C 90 2.08 -15.60 10.47
CA ALA C 90 0.74 -15.01 10.39
C ALA C 90 0.12 -14.73 11.75
N SER C 91 0.59 -15.38 12.81
CA SER C 91 0.01 -15.19 14.14
C SER C 91 1.01 -14.66 15.16
N ASP C 92 2.30 -14.74 14.91
CA ASP C 92 3.28 -14.17 15.82
C ASP C 92 3.04 -12.66 15.92
N PRO C 93 2.92 -12.10 17.12
CA PRO C 93 2.60 -10.66 17.21
C PRO C 93 3.60 -9.78 16.51
N ARG C 94 4.88 -10.18 16.46
CA ARG C 94 5.89 -9.39 15.77
C ARG C 94 5.78 -9.52 14.26
N LEU C 95 5.56 -10.73 13.76
CA LEU C 95 5.48 -10.97 12.33
C LEU C 95 4.06 -10.79 11.78
N SER C 96 3.06 -10.61 12.63
CA SER C 96 1.68 -10.55 12.16
C SER C 96 1.46 -9.34 11.25
N HIS C 97 2.06 -8.21 11.60
CA HIS C 97 1.80 -6.96 10.88
C HIS C 97 2.84 -6.63 9.82
N THR C 98 3.82 -7.49 9.59
CA THR C 98 4.71 -7.29 8.46
C THR C 98 3.98 -7.58 7.16
N MET C 99 4.52 -7.06 6.06
CA MET C 99 3.87 -7.26 4.77
C MET C 99 3.64 -8.73 4.48
N LEU C 100 4.64 -9.57 4.78
CA LEU C 100 4.44 -11.01 4.67
C LEU C 100 3.26 -11.45 5.55
N GLY C 101 3.24 -10.99 6.80
CA GLY C 101 2.14 -11.35 7.68
C GLY C 101 0.80 -10.79 7.22
N GLU C 102 0.79 -9.56 6.71
CA GLU C 102 -0.45 -8.98 6.23
C GLU C 102 -1.01 -9.77 5.05
N ILE C 103 -0.14 -10.17 4.12
CA ILE C 103 -0.60 -10.97 3.00
C ILE C 103 -1.06 -12.34 3.48
N LEU C 104 -0.34 -12.93 4.44
CA LEU C 104 -0.71 -14.25 4.93
C LEU C 104 -2.07 -14.23 5.58
N ASN C 105 -2.37 -13.20 6.36
CA ASN C 105 -3.63 -13.16 7.10
C ASN C 105 -4.85 -13.16 6.18
N TYR C 106 -4.67 -13.04 4.88
CA TYR C 106 -5.75 -13.22 3.92
C TYR C 106 -5.83 -14.64 3.38
N TYR C 107 -4.93 -15.53 3.80
CA TYR C 107 -4.95 -16.91 3.39
C TYR C 107 -4.74 -17.79 4.61
N THR C 108 -5.34 -18.98 4.60
CA THR C 108 -5.30 -19.87 5.75
C THR C 108 -4.25 -20.96 5.63
N HIS C 109 -3.54 -21.04 4.50
CA HIS C 109 -2.48 -22.02 4.30
C HIS C 109 -1.27 -21.33 3.71
N TRP C 110 -0.08 -21.73 4.16
CA TRP C 110 1.15 -21.18 3.62
C TRP C 110 2.23 -22.25 3.69
N ALA C 111 3.11 -22.24 2.71
CA ALA C 111 4.17 -23.26 2.62
C ALA C 111 5.30 -22.73 1.77
N GLY C 112 6.48 -22.59 2.36
CA GLY C 112 7.63 -22.13 1.60
C GLY C 112 8.81 -21.89 2.52
N SER C 113 9.85 -21.29 1.94
CA SER C 113 11.08 -20.97 2.65
C SER C 113 11.11 -19.48 2.94
N LEU C 114 11.35 -19.13 4.20
CA LEU C 114 11.41 -17.72 4.56
C LEU C 114 12.83 -17.20 4.45
N LYS C 115 12.97 -15.87 4.49
CA LYS C 115 14.24 -15.19 4.31
C LYS C 115 14.29 -14.08 5.35
N PHE C 116 15.01 -14.32 6.44
CA PHE C 116 15.21 -13.32 7.48
C PHE C 116 16.55 -12.62 7.24
N THR C 117 16.50 -11.33 6.92
CA THR C 117 17.69 -10.51 6.79
C THR C 117 17.83 -9.63 8.03
N PHE C 118 19.07 -9.35 8.39
CA PHE C 118 19.37 -8.46 9.51
C PHE C 118 20.40 -7.45 9.06
N MET C 119 20.18 -6.18 9.36
CA MET C 119 21.10 -5.10 9.02
C MET C 119 21.63 -4.49 10.30
N PHE C 120 22.95 -4.25 10.33
CA PHE C 120 23.62 -3.72 11.51
C PHE C 120 23.81 -2.22 11.34
N CYS C 121 22.89 -1.44 11.92
CA CYS C 121 22.96 0.01 11.87
C CYS C 121 23.81 0.52 13.03
N GLY C 122 25.11 0.31 12.91
CA GLY C 122 26.06 0.76 13.91
C GLY C 122 27.23 1.50 13.31
N SER C 123 28.20 1.85 14.14
CA SER C 123 29.37 2.59 13.65
C SER C 123 30.25 1.71 12.78
N MET C 124 31.10 2.36 11.99
CA MET C 124 31.99 1.63 11.09
C MET C 124 33.09 0.89 11.84
N MET C 125 33.44 1.35 13.04
CA MET C 125 34.49 0.71 13.82
C MET C 125 33.95 -0.36 14.77
N ALA C 126 32.65 -0.61 14.76
CA ALA C 126 32.05 -1.63 15.60
C ALA C 126 32.11 -2.96 14.86
N THR C 127 32.97 -3.86 15.31
CA THR C 127 33.13 -5.17 14.70
C THR C 127 32.73 -6.25 15.70
N GLY C 128 32.24 -7.36 15.18
CA GLY C 128 31.80 -8.44 16.04
C GLY C 128 31.22 -9.56 15.21
N LYS C 129 30.58 -10.49 15.90
CA LYS C 129 29.95 -11.62 15.23
C LYS C 129 28.69 -12.00 15.99
N LEU C 130 27.73 -12.58 15.28
CA LEU C 130 26.47 -12.99 15.86
C LEU C 130 26.11 -14.37 15.32
N LEU C 131 25.26 -15.07 16.05
CA LEU C 131 24.75 -16.37 15.62
C LEU C 131 23.24 -16.26 15.46
N VAL C 132 22.76 -16.46 14.24
CA VAL C 132 21.34 -16.42 13.92
C VAL C 132 20.90 -17.86 13.71
N SER C 133 20.05 -18.37 14.58
CA SER C 133 19.71 -19.79 14.63
C SER C 133 18.23 -19.99 14.43
N TYR C 134 17.90 -21.02 13.65
CA TYR C 134 16.53 -21.51 13.48
C TYR C 134 16.47 -22.94 13.97
N ALA C 135 15.61 -23.18 14.95
CA ALA C 135 15.44 -24.51 15.53
C ALA C 135 14.01 -24.98 15.29
N PRO C 136 13.79 -26.02 14.50
CA PRO C 136 12.42 -26.50 14.27
C PRO C 136 11.73 -26.83 15.58
N PRO C 137 10.42 -27.03 15.56
CA PRO C 137 9.67 -27.25 16.80
C PRO C 137 9.84 -28.68 17.30
N GLY C 138 9.21 -28.95 18.44
CA GLY C 138 9.21 -30.27 19.02
C GLY C 138 10.18 -30.47 20.17
N ALA C 139 10.85 -29.43 20.62
CA ALA C 139 11.80 -29.55 21.73
C ALA C 139 11.79 -28.25 22.52
N ASP C 140 12.63 -28.20 23.54
CA ASP C 140 12.75 -26.98 24.34
C ASP C 140 13.21 -25.84 23.45
N PRO C 141 12.56 -24.67 23.50
CA PRO C 141 13.05 -23.52 22.74
C PRO C 141 14.46 -23.17 23.18
N PRO C 142 15.33 -22.79 22.24
CA PRO C 142 16.68 -22.38 22.64
C PRO C 142 16.65 -21.19 23.60
N LYS C 143 17.50 -21.25 24.62
CA LYS C 143 17.67 -20.15 25.56
C LYS C 143 19.13 -19.83 25.81
N LYS C 144 20.06 -20.63 25.26
CA LYS C 144 21.47 -20.37 25.36
C LYS C 144 22.11 -20.72 24.02
N ARG C 145 23.28 -20.13 23.75
CA ARG C 145 23.97 -20.46 22.51
C ARG C 145 24.31 -21.94 22.44
N LYS C 146 24.38 -22.62 23.59
CA LYS C 146 24.71 -24.03 23.61
C LYS C 146 23.68 -24.85 22.83
N GLU C 147 22.40 -24.52 22.98
CA GLU C 147 21.33 -25.28 22.36
C GLU C 147 20.97 -24.78 20.96
N ALA C 148 21.19 -23.49 20.70
CA ALA C 148 20.76 -22.93 19.42
C ALA C 148 21.60 -23.48 18.26
N MET C 149 22.91 -23.64 18.47
CA MET C 149 23.77 -24.07 17.39
C MET C 149 23.35 -25.41 16.82
N LEU C 150 22.75 -26.27 17.66
CA LEU C 150 22.42 -27.62 17.22
C LEU C 150 21.43 -27.61 16.07
N GLY C 151 20.58 -26.58 15.99
CA GLY C 151 19.71 -26.41 14.85
C GLY C 151 20.42 -25.74 13.70
N THR C 152 19.63 -25.28 12.73
CA THR C 152 20.19 -24.47 11.66
C THR C 152 20.76 -23.19 12.24
N HIS C 153 21.89 -22.74 11.72
CA HIS C 153 22.47 -21.51 12.24
C HIS C 153 23.41 -20.92 11.20
N VAL C 154 23.58 -19.61 11.31
CA VAL C 154 24.47 -18.85 10.44
C VAL C 154 25.25 -17.88 11.31
N ILE C 155 26.55 -17.80 11.06
CA ILE C 155 27.42 -16.91 11.81
C ILE C 155 27.62 -15.65 10.98
N TRP C 156 27.14 -14.53 11.50
CA TRP C 156 27.14 -13.25 10.81
C TRP C 156 28.33 -12.44 11.28
N ASP C 157 29.20 -12.07 10.35
CA ASP C 157 30.32 -11.18 10.63
C ASP C 157 29.89 -9.75 10.33
N ILE C 158 30.09 -8.88 11.31
CA ILE C 158 29.66 -7.49 11.20
C ILE C 158 30.81 -6.59 10.75
N GLY C 159 31.81 -7.14 10.05
CA GLY C 159 32.98 -6.35 9.71
C GLY C 159 32.66 -5.23 8.73
N LEU C 160 32.30 -5.58 7.49
CA LEU C 160 32.09 -4.56 6.47
C LEU C 160 30.66 -4.54 5.96
N GLN C 161 30.18 -5.68 5.45
CA GLN C 161 28.80 -5.76 5.01
C GLN C 161 27.87 -5.66 6.22
N SER C 162 26.85 -4.83 6.11
CA SER C 162 25.97 -4.55 7.23
C SER C 162 24.83 -5.54 7.35
N SER C 163 24.72 -6.51 6.45
CA SER C 163 23.53 -7.34 6.37
C SER C 163 23.91 -8.82 6.33
N CYS C 164 22.96 -9.65 6.76
CA CYS C 164 23.10 -11.10 6.72
C CYS C 164 21.75 -11.73 6.48
N THR C 165 21.71 -12.75 5.62
CA THR C 165 20.49 -13.45 5.26
C THR C 165 20.50 -14.86 5.81
N MET C 166 19.44 -15.24 6.53
CA MET C 166 19.21 -16.61 6.98
C MET C 166 17.97 -17.10 6.23
N VAL C 167 18.17 -18.08 5.34
CA VAL C 167 17.07 -18.71 4.63
C VAL C 167 16.53 -19.81 5.52
N VAL C 168 15.39 -19.54 6.15
CA VAL C 168 14.71 -20.54 6.98
C VAL C 168 14.08 -21.56 6.03
N PRO C 169 14.60 -22.79 5.95
CA PRO C 169 14.06 -23.74 4.96
C PRO C 169 12.66 -24.20 5.31
N TRP C 170 12.07 -24.99 4.42
CA TRP C 170 10.72 -25.51 4.62
C TRP C 170 10.82 -26.89 5.27
N ILE C 171 10.76 -26.91 6.59
CA ILE C 171 10.67 -28.14 7.37
C ILE C 171 9.25 -28.22 7.92
N SER C 172 8.49 -29.21 7.46
CA SER C 172 7.11 -29.35 7.91
C SER C 172 6.66 -30.78 7.63
N ASN C 173 5.91 -31.34 8.57
CA ASN C 173 5.28 -32.63 8.34
C ASN C 173 4.12 -32.49 7.35
N THR C 174 3.29 -31.47 7.54
CA THR C 174 2.22 -31.15 6.60
C THR C 174 2.78 -30.39 5.40
N THR C 175 2.08 -30.49 4.27
CA THR C 175 2.49 -29.75 3.09
C THR C 175 2.16 -28.27 3.20
N TYR C 176 1.28 -27.89 4.12
CA TYR C 176 0.95 -26.50 4.38
C TYR C 176 0.82 -26.30 5.88
N ARG C 177 0.90 -25.05 6.30
CA ARG C 177 0.75 -24.67 7.69
C ARG C 177 -0.41 -23.70 7.83
N LEU C 178 -1.19 -23.85 8.90
CA LEU C 178 -2.25 -22.90 9.18
C LEU C 178 -1.69 -21.56 9.60
N THR C 179 -2.41 -20.50 9.23
CA THR C 179 -2.03 -19.14 9.58
C THR C 179 -2.55 -18.72 10.95
N ILE C 180 -2.87 -19.68 11.81
CA ILE C 180 -3.30 -19.43 13.17
C ILE C 180 -2.30 -20.09 14.10
N ASP C 181 -2.00 -19.43 15.22
CA ASP C 181 -1.08 -20.03 16.18
C ASP C 181 -1.63 -21.39 16.58
N ASP C 182 -0.96 -22.45 16.14
CA ASP C 182 -1.48 -23.80 16.24
C ASP C 182 -0.42 -24.72 16.80
N SER C 183 -0.84 -25.67 17.64
CA SER C 183 0.12 -26.56 18.28
C SER C 183 0.65 -27.60 17.29
N PHE C 184 -0.22 -28.18 16.47
CA PHE C 184 0.22 -29.23 15.56
C PHE C 184 1.12 -28.66 14.46
N THR C 185 0.68 -27.59 13.81
CA THR C 185 1.43 -26.99 12.71
C THR C 185 2.27 -25.81 13.21
N GLU C 186 3.14 -26.09 14.18
CA GLU C 186 4.08 -25.08 14.62
C GLU C 186 5.15 -24.85 13.55
N GLY C 187 5.76 -23.67 13.59
CA GLY C 187 6.76 -23.32 12.61
C GLY C 187 8.18 -23.56 13.08
N GLY C 188 8.41 -23.34 14.38
CA GLY C 188 9.72 -23.46 14.96
C GLY C 188 10.07 -22.21 15.72
N TYR C 189 11.36 -22.01 15.94
CA TYR C 189 11.86 -20.86 16.68
C TYR C 189 13.05 -20.26 15.95
N ILE C 190 13.23 -18.95 16.12
CA ILE C 190 14.38 -18.24 15.58
C ILE C 190 14.93 -17.35 16.69
N SER C 191 16.25 -17.32 16.81
CA SER C 191 16.91 -16.56 17.87
C SER C 191 18.21 -15.98 17.35
N VAL C 192 18.64 -14.90 17.98
CA VAL C 192 19.93 -14.27 17.68
C VAL C 192 20.72 -14.14 18.98
N PHE C 193 21.97 -14.60 18.94
CA PHE C 193 22.89 -14.65 20.07
C PHE C 193 24.17 -13.93 19.68
N TYR C 194 24.98 -13.59 20.69
CA TYR C 194 26.35 -13.16 20.49
C TYR C 194 27.24 -14.38 20.37
N GLN C 195 27.85 -14.58 19.20
CA GLN C 195 28.96 -15.52 19.13
C GLN C 195 30.23 -14.90 19.72
N THR C 196 30.55 -13.69 19.28
CA THR C 196 31.68 -12.94 19.80
C THR C 196 31.21 -11.50 20.01
N ARG C 197 31.44 -10.98 21.20
CA ARG C 197 30.82 -9.72 21.58
C ARG C 197 31.23 -8.60 20.63
N ILE C 198 30.38 -7.59 20.53
CA ILE C 198 30.70 -6.41 19.75
C ILE C 198 31.80 -5.63 20.45
N VAL C 199 32.87 -5.34 19.73
CA VAL C 199 34.03 -4.62 20.28
C VAL C 199 34.15 -3.30 19.54
N VAL C 200 34.06 -2.21 20.28
CA VAL C 200 34.09 -0.85 19.73
C VAL C 200 35.33 -0.16 20.27
N PRO C 201 36.08 0.56 19.43
CA PRO C 201 37.22 1.32 19.95
C PRO C 201 36.74 2.47 20.82
N LEU C 202 37.72 3.23 21.34
CA LEU C 202 37.39 4.35 22.18
C LEU C 202 36.86 5.51 21.34
N SER C 203 36.19 6.45 22.01
CA SER C 203 35.57 7.58 21.34
C SER C 203 34.62 7.12 20.24
N THR C 204 33.89 6.04 20.53
CA THR C 204 32.95 5.43 19.60
C THR C 204 31.68 5.12 20.37
N PRO C 205 30.50 5.22 19.76
CA PRO C 205 29.28 4.87 20.47
C PRO C 205 29.32 3.44 20.93
N ARG C 206 28.73 3.17 22.11
CA ARG C 206 28.79 1.88 22.75
C ARG C 206 27.41 1.21 22.81
N GLU C 207 26.53 1.55 21.87
CA GLU C 207 25.19 0.96 21.84
C GLU C 207 24.76 0.91 20.37
N MET C 208 24.88 -0.26 19.75
CA MET C 208 24.54 -0.42 18.35
C MET C 208 23.04 -0.60 18.21
N ASP C 209 22.58 -0.93 17.00
CA ASP C 209 21.19 -1.26 16.74
C ASP C 209 21.13 -2.08 15.47
N ILE C 210 20.36 -3.17 15.48
CA ILE C 210 20.17 -4.03 14.32
C ILE C 210 18.70 -4.05 13.97
N LEU C 211 18.40 -3.94 12.68
CA LEU C 211 17.04 -3.92 12.15
C LEU C 211 16.77 -5.20 11.40
N GLY C 212 15.64 -5.83 11.70
CA GLY C 212 15.27 -7.06 11.03
C GLY C 212 14.51 -6.82 9.73
N PHE C 213 14.35 -7.90 8.97
CA PHE C 213 13.60 -7.89 7.72
C PHE C 213 13.16 -9.31 7.47
N VAL C 214 11.91 -9.49 7.05
CA VAL C 214 11.34 -10.81 6.80
C VAL C 214 10.70 -10.80 5.42
N SER C 215 11.01 -11.79 4.61
CA SER C 215 10.38 -11.90 3.31
C SER C 215 10.22 -13.36 2.94
N ALA C 216 9.46 -13.60 1.88
CA ALA C 216 9.26 -14.94 1.36
C ALA C 216 10.28 -15.24 0.28
N CYS C 217 10.65 -16.51 0.16
CA CYS C 217 11.56 -16.93 -0.88
C CYS C 217 10.76 -17.22 -2.16
N ASN C 218 11.47 -17.57 -3.23
CA ASN C 218 10.81 -17.77 -4.51
C ASN C 218 9.99 -19.04 -4.60
N ASP C 219 10.02 -19.89 -3.58
CA ASP C 219 9.22 -21.11 -3.54
C ASP C 219 7.97 -20.97 -2.67
N PHE C 220 7.69 -19.78 -2.17
CA PHE C 220 6.58 -19.57 -1.27
C PHE C 220 5.24 -19.69 -2.01
N SER C 221 4.17 -19.92 -1.26
CA SER C 221 2.84 -19.99 -1.82
C SER C 221 1.82 -20.04 -0.70
N VAL C 222 0.60 -19.57 -1.00
CA VAL C 222 -0.51 -19.58 -0.06
C VAL C 222 -1.75 -20.02 -0.83
N ARG C 223 -2.80 -20.39 -0.08
CA ARG C 223 -4.05 -20.80 -0.71
C ARG C 223 -5.19 -20.65 0.30
N LEU C 224 -6.40 -20.88 -0.19
CA LEU C 224 -7.63 -20.82 0.61
C LEU C 224 -7.81 -19.42 1.22
N LEU C 225 -8.07 -18.47 0.32
CA LEU C 225 -8.31 -17.09 0.71
C LEU C 225 -9.29 -17.02 1.87
N ARG C 226 -9.10 -16.06 2.76
CA ARG C 226 -9.98 -15.87 3.91
C ARG C 226 -10.01 -14.38 4.24
N ASP C 227 -10.71 -14.03 5.31
CA ASP C 227 -10.75 -12.65 5.76
C ASP C 227 -9.67 -12.40 6.80
N THR C 228 -9.38 -11.12 7.01
CA THR C 228 -8.32 -10.69 7.92
C THR C 228 -8.92 -10.10 9.18
N THR C 229 -8.28 -10.36 10.31
CA THR C 229 -8.71 -9.83 11.60
C THR C 229 -8.04 -8.52 11.96
N HIS C 230 -7.17 -7.99 11.10
CA HIS C 230 -6.44 -6.77 11.41
C HIS C 230 -7.29 -5.52 11.26
N ILE C 231 -8.44 -5.60 10.59
CA ILE C 231 -9.28 -4.44 10.32
C ILE C 231 -10.70 -4.76 10.77
N GLU C 232 -11.29 -3.85 11.54
CA GLU C 232 -12.66 -3.99 12.01
C GLU C 232 -13.43 -2.71 11.73
N GLN C 233 -14.61 -2.84 11.13
CA GLN C 233 -15.50 -1.71 10.91
C GLN C 233 -16.37 -1.52 12.15
N LYS C 234 -15.79 -0.86 13.15
CA LYS C 234 -16.47 -0.58 14.40
C LYS C 234 -17.88 -0.09 14.16
N ALA C 235 -18.85 -0.81 14.70
CA ALA C 235 -20.26 -0.51 14.50
C ALA C 235 -20.59 -0.47 13.01
C1 PLM D . -14.99 1.90 -8.20
O1 PLM D . -13.83 1.57 -7.84
O2 PLM D . -15.69 2.87 -7.81
C2 PLM D . -15.63 0.96 -9.29
C3 PLM D . -17.12 1.16 -9.55
C4 PLM D . -17.50 2.56 -10.03
C5 PLM D . -18.12 2.56 -11.43
C6 PLM D . -19.48 1.87 -11.52
C7 PLM D . -20.58 2.73 -12.14
C8 PLM D . -21.75 1.92 -12.68
C9 PLM D . -22.31 0.91 -11.69
CA PLM D . -23.80 0.66 -11.85
CB PLM D . -24.14 -0.09 -13.13
CC PLM D . -25.55 0.16 -13.62
CD PLM D . -26.61 -0.15 -12.57
CE PLM D . -28.00 -0.33 -13.15
CF PLM D . -29.03 -0.86 -12.16
CG PLM D . -28.87 -0.24 -10.77
#